data_5S9Y
#
_entry.id   5S9Y
#
_cell.length_a   79.773
_cell.length_b   108.363
_cell.length_c   112.071
_cell.angle_alpha   90.000
_cell.angle_beta   90.000
_cell.angle_gamma   90.000
#
_symmetry.space_group_name_H-M   'P 21 21 21'
#
loop_
_entity.id
_entity.type
_entity.pdbx_description
1 polymer 'N(1),N(8)-bis(glutathionyl)spermidine reductase'
2 non-polymer 'FLAVIN-ADENINE DINUCLEOTIDE'
3 non-polymer 'DIMETHYL SULFOXIDE'
4 non-polymer 'methyl 3-(methylsulfonylamino)benzoate'
5 non-polymer 'MAGNESIUM ION'
6 non-polymer 'BROMIDE ION'
7 water water
#
_entity_poly.entity_id   1
_entity_poly.type   'polypeptide(L)'
_entity_poly.pdbx_seq_one_letter_code
;GSHMSKAFDLVVIGAGSGGLEAGWNAATLYGKRVAVVDVQTSHGPPFYAALGGTCVNVGCVPKKLMVTGAQYMDHLRESA
GFGWEFDGSSVKANWKKLIAAKNEAVLDINKSYEGMFNDTEGLDFFLGWGSLESKNVVVVRETADPKSAVKERLQADHIL
LATGSWPQMPAIPGIEHCISSNEAFYLPEPPRRVLTVGGGFISVEFAGIFNAYKPPGGKVTLCYRNNLILRGFDETIREE
VTKQLTANGIEIMTNENPAKVSLNTDGSKHVTFESGKTLDVDVVMMAIGRIPRTNDLQLGNVGVKLTPKGGVQVDEFSRT
NVPNIYAIGDITDRLMLTPVAINEGAALVDTVFGNKPRKTDHTRVASAVFSIPPIGTCGLIEEVAAKEFEKVAVYMSSFT
PLMHNISGSKYKKFVAKIVTNHSDGTVLGVHLLGDGAPEIIQAVGVCLRLNAKISDFYNTIGVHPTSAEELCSMRTPSYY
YVKGEKMEKLPDSNL
;
_entity_poly.pdbx_strand_id   A,B
#
# COMPACT_ATOMS: atom_id res chain seq x y z
N LYS A 6 22.53 -24.75 33.10
CA LYS A 6 22.00 -25.97 32.42
C LYS A 6 20.55 -26.22 32.82
N ALA A 7 19.98 -25.38 33.68
CA ALA A 7 18.57 -25.42 34.12
C ALA A 7 17.85 -24.19 33.56
N PHE A 8 16.71 -24.39 32.89
CA PHE A 8 15.94 -23.30 32.23
C PHE A 8 14.43 -23.44 32.49
N ASP A 9 13.77 -22.30 32.68
CA ASP A 9 12.28 -22.20 32.65
C ASP A 9 11.82 -22.76 31.29
N LEU A 10 12.33 -22.20 30.19
CA LEU A 10 11.93 -22.59 28.81
C LEU A 10 13.14 -22.95 27.96
N VAL A 11 13.13 -24.13 27.34
CA VAL A 11 14.05 -24.51 26.22
C VAL A 11 13.28 -24.52 24.91
N VAL A 12 13.75 -23.71 23.96
CA VAL A 12 13.18 -23.54 22.59
C VAL A 12 14.14 -24.23 21.62
N ILE A 13 13.63 -25.19 20.85
CA ILE A 13 14.37 -25.82 19.74
C ILE A 13 13.93 -25.15 18.43
N GLY A 14 14.84 -24.34 17.88
CA GLY A 14 14.65 -23.52 16.67
C GLY A 14 14.61 -22.05 17.00
N ALA A 15 15.61 -21.29 16.57
CA ALA A 15 15.76 -19.86 16.81
C ALA A 15 15.15 -19.12 15.62
N GLY A 16 13.89 -19.45 15.29
CA GLY A 16 13.18 -18.93 14.11
C GLY A 16 12.10 -17.95 14.48
N SER A 17 11.16 -17.71 13.55
CA SER A 17 10.12 -16.67 13.70
C SER A 17 9.38 -16.92 15.03
N GLY A 18 8.84 -18.13 15.23
CA GLY A 18 8.10 -18.51 16.46
C GLY A 18 9.03 -18.62 17.66
N GLY A 19 10.18 -19.28 17.48
CA GLY A 19 11.10 -19.61 18.60
C GLY A 19 11.61 -18.36 19.27
N LEU A 20 12.02 -17.36 18.49
CA LEU A 20 12.66 -16.14 19.03
C LEU A 20 11.61 -15.25 19.70
N GLU A 21 10.40 -15.16 19.12
CA GLU A 21 9.34 -14.33 19.72
C GLU A 21 9.08 -14.88 21.12
N ALA A 22 8.89 -16.20 21.24
CA ALA A 22 8.62 -16.92 22.50
C ALA A 22 9.79 -16.70 23.47
N GLY A 23 11.01 -16.93 22.99
CA GLY A 23 12.25 -16.80 23.78
C GLY A 23 12.43 -15.43 24.38
N TRP A 24 12.36 -14.39 23.53
N TRP A 24 12.35 -14.39 23.54
CA TRP A 24 12.62 -12.98 23.88
CA TRP A 24 12.62 -12.97 23.88
C TRP A 24 11.50 -12.40 24.76
C TRP A 24 11.50 -12.40 24.76
N ASN A 25 10.25 -12.82 24.53
CA ASN A 25 9.09 -12.36 25.33
C ASN A 25 9.24 -12.93 26.73
N ALA A 26 9.49 -14.22 26.83
CA ALA A 26 9.62 -14.92 28.11
C ALA A 26 10.66 -14.13 28.95
N ALA A 27 11.86 -13.95 28.38
CA ALA A 27 12.99 -13.23 28.98
C ALA A 27 12.61 -11.80 29.37
N THR A 28 12.23 -10.96 28.42
CA THR A 28 12.15 -9.50 28.62
C THR A 28 10.82 -9.10 29.29
N LEU A 29 9.77 -9.90 29.18
CA LEU A 29 8.42 -9.52 29.69
C LEU A 29 8.18 -10.15 31.07
N TYR A 30 8.68 -11.36 31.29
CA TYR A 30 8.40 -12.21 32.48
C TYR A 30 9.70 -12.63 33.18
N GLY A 31 10.79 -11.89 32.93
CA GLY A 31 12.14 -12.17 33.47
C GLY A 31 12.38 -13.67 33.61
N LYS A 32 11.96 -14.49 32.64
CA LYS A 32 12.15 -15.97 32.68
C LYS A 32 13.54 -16.34 32.13
N ARG A 33 13.97 -17.59 32.31
CA ARG A 33 15.33 -18.07 31.97
C ARG A 33 15.23 -19.03 30.78
N VAL A 34 15.73 -18.60 29.63
CA VAL A 34 15.39 -19.23 28.31
C VAL A 34 16.66 -19.67 27.61
N ALA A 35 16.69 -20.95 27.21
CA ALA A 35 17.65 -21.55 26.27
C ALA A 35 17.03 -21.63 24.87
N VAL A 36 17.72 -21.14 23.83
CA VAL A 36 17.30 -21.36 22.41
C VAL A 36 18.39 -22.11 21.64
N VAL A 37 18.04 -23.25 21.05
CA VAL A 37 18.91 -24.14 20.21
C VAL A 37 18.69 -23.80 18.73
N ASP A 38 19.77 -23.66 17.94
CA ASP A 38 19.70 -23.75 16.46
C ASP A 38 21.00 -24.38 15.92
N VAL A 39 20.95 -24.85 14.69
CA VAL A 39 22.04 -25.65 14.07
C VAL A 39 23.12 -24.72 13.49
N GLN A 40 22.85 -23.43 13.36
CA GLN A 40 23.72 -22.51 12.57
C GLN A 40 23.49 -21.06 13.00
N THR A 41 24.54 -20.22 13.01
CA THR A 41 24.45 -18.84 13.56
C THR A 41 24.21 -17.82 12.44
N SER A 42 24.43 -18.20 11.19
CA SER A 42 24.24 -17.29 10.04
C SER A 42 23.80 -18.11 8.83
N HIS A 43 23.32 -17.41 7.82
CA HIS A 43 22.58 -17.97 6.66
C HIS A 43 23.46 -18.87 5.81
N GLY A 44 22.82 -19.83 5.15
CA GLY A 44 23.34 -20.48 3.93
C GLY A 44 23.80 -21.90 4.19
N PRO A 45 24.43 -22.54 3.18
CA PRO A 45 24.83 -23.94 3.29
C PRO A 45 25.74 -24.10 4.49
N PRO A 46 25.78 -25.30 5.13
CA PRO A 46 24.96 -26.44 4.69
C PRO A 46 23.48 -26.55 5.14
N PHE A 47 23.05 -25.85 6.19
CA PHE A 47 21.72 -26.06 6.83
C PHE A 47 20.72 -24.94 6.48
N TYR A 48 21.18 -23.89 5.80
CA TYR A 48 20.37 -22.84 5.12
C TYR A 48 19.69 -21.91 6.14
N ALA A 49 18.73 -22.46 6.90
CA ALA A 49 18.14 -21.74 8.06
C ALA A 49 19.17 -21.70 9.20
N ALA A 50 19.05 -20.70 10.03
CA ALA A 50 20.03 -20.35 11.07
C ALA A 50 19.32 -19.48 12.08
N LEU A 51 20.05 -19.02 13.09
CA LEU A 51 19.66 -17.91 13.97
C LEU A 51 18.82 -16.90 13.16
N GLY A 52 17.57 -16.69 13.56
CA GLY A 52 16.59 -15.84 12.85
C GLY A 52 15.51 -16.65 12.17
N GLY A 53 15.85 -17.87 11.69
CA GLY A 53 14.93 -18.89 11.16
C GLY A 53 14.85 -18.85 9.65
N THR A 54 13.87 -19.54 9.09
CA THR A 54 13.72 -19.75 7.64
C THR A 54 13.41 -18.42 6.97
N CYS A 55 12.47 -17.66 7.54
CA CYS A 55 12.04 -16.38 6.92
C CYS A 55 13.26 -15.47 6.72
N VAL A 56 14.06 -15.28 7.77
CA VAL A 56 15.20 -14.33 7.77
C VAL A 56 16.24 -14.82 6.76
N ASN A 57 16.59 -16.11 6.84
CA ASN A 57 17.78 -16.70 6.17
C ASN A 57 17.45 -17.09 4.73
N VAL A 58 16.38 -17.85 4.50
CA VAL A 58 16.05 -18.42 3.16
C VAL A 58 14.54 -18.35 2.90
N GLY A 59 13.91 -17.20 3.17
CA GLY A 59 12.45 -17.06 3.14
C GLY A 59 12.01 -15.64 2.86
N CYS A 60 11.00 -15.18 3.60
CA CYS A 60 10.33 -13.89 3.34
C CYS A 60 11.37 -12.80 3.00
N VAL A 61 12.40 -12.67 3.84
CA VAL A 61 13.31 -11.50 3.87
C VAL A 61 14.13 -11.46 2.58
N PRO A 62 14.99 -12.45 2.29
CA PRO A 62 15.72 -12.44 1.03
C PRO A 62 14.83 -12.48 -0.21
N LYS A 63 13.74 -13.27 -0.17
CA LYS A 63 12.76 -13.40 -1.27
C LYS A 63 12.25 -11.99 -1.61
N LYS A 64 11.86 -11.21 -0.61
CA LYS A 64 11.25 -9.88 -0.85
C LYS A 64 12.30 -8.96 -1.49
N LEU A 65 13.54 -9.02 -1.01
CA LEU A 65 14.65 -8.21 -1.61
C LEU A 65 14.83 -8.61 -3.07
N MET A 66 14.69 -9.91 -3.36
CA MET A 66 14.92 -10.40 -4.72
C MET A 66 13.75 -10.10 -5.63
N VAL A 67 12.50 -10.21 -5.14
CA VAL A 67 11.31 -9.76 -5.92
C VAL A 67 11.42 -8.25 -6.15
N THR A 68 11.82 -7.46 -5.15
CA THR A 68 12.04 -5.99 -5.35
C THR A 68 13.03 -5.78 -6.50
N GLY A 69 14.15 -6.52 -6.48
CA GLY A 69 15.13 -6.43 -7.59
C GLY A 69 14.46 -6.75 -8.91
N ALA A 70 13.72 -7.84 -8.95
CA ALA A 70 13.00 -8.31 -10.16
C ALA A 70 12.05 -7.22 -10.68
N GLN A 71 11.42 -6.44 -9.80
CA GLN A 71 10.43 -5.41 -10.17
C GLN A 71 11.08 -4.36 -11.07
N TYR A 72 12.39 -4.11 -10.96
CA TYR A 72 13.07 -3.08 -11.79
C TYR A 72 12.98 -3.43 -13.27
N MET A 73 12.84 -4.72 -13.63
CA MET A 73 12.65 -5.04 -15.06
C MET A 73 11.41 -4.31 -15.56
N ASP A 74 10.33 -4.36 -14.77
CA ASP A 74 9.08 -3.69 -15.14
C ASP A 74 9.27 -2.16 -15.05
N HIS A 75 9.82 -1.65 -13.95
CA HIS A 75 9.96 -0.17 -13.77
C HIS A 75 10.78 0.44 -14.94
N LEU A 76 11.89 -0.22 -15.32
CA LEU A 76 12.78 0.31 -16.39
C LEU A 76 11.98 0.45 -17.67
N ARG A 77 11.17 -0.57 -18.03
CA ARG A 77 10.33 -0.58 -19.25
C ARG A 77 9.24 0.48 -19.10
N GLU A 78 8.55 0.44 -17.97
CA GLU A 78 7.36 1.28 -17.71
C GLU A 78 7.71 2.76 -17.67
N SER A 79 8.94 3.08 -17.32
CA SER A 79 9.41 4.48 -17.19
C SER A 79 9.21 5.22 -18.52
N ALA A 80 9.32 4.51 -19.66
CA ALA A 80 9.31 5.13 -21.01
C ALA A 80 7.97 5.83 -21.24
N GLY A 81 6.87 5.26 -20.74
CA GLY A 81 5.52 5.84 -20.86
C GLY A 81 5.41 7.20 -20.20
N PHE A 82 6.26 7.48 -19.22
CA PHE A 82 6.27 8.72 -18.41
C PHE A 82 7.39 9.63 -18.92
N GLY A 83 8.01 9.26 -20.06
CA GLY A 83 9.01 10.09 -20.75
C GLY A 83 10.45 9.78 -20.37
N TRP A 84 10.73 8.71 -19.62
CA TRP A 84 12.12 8.34 -19.32
C TRP A 84 12.75 7.71 -20.57
N GLU A 85 13.94 8.16 -20.88
CA GLU A 85 14.67 7.75 -22.10
C GLU A 85 16.05 7.31 -21.65
N PHE A 86 16.48 6.17 -22.16
CA PHE A 86 17.87 5.69 -21.95
C PHE A 86 18.13 4.62 -23.00
N ASP A 87 19.38 4.18 -23.05
CA ASP A 87 19.80 3.10 -23.96
C ASP A 87 19.29 1.76 -23.42
N GLY A 88 18.15 1.30 -23.94
CA GLY A 88 17.55 0.01 -23.55
C GLY A 88 18.50 -1.13 -23.82
N SER A 89 19.32 -1.02 -24.87
CA SER A 89 20.28 -2.09 -25.27
C SER A 89 21.39 -2.23 -24.23
N SER A 90 21.63 -1.24 -23.37
CA SER A 90 22.68 -1.29 -22.32
C SER A 90 22.19 -1.97 -21.02
N VAL A 91 20.91 -2.30 -20.92
CA VAL A 91 20.33 -2.80 -19.64
C VAL A 91 20.84 -4.23 -19.43
N LYS A 92 21.41 -4.49 -18.26
CA LYS A 92 21.83 -5.82 -17.79
C LYS A 92 21.35 -5.99 -16.36
N ALA A 93 20.90 -7.20 -16.02
CA ALA A 93 20.50 -7.56 -14.64
C ALA A 93 21.64 -8.36 -14.03
N ASN A 94 22.36 -7.74 -13.11
CA ASN A 94 23.51 -8.38 -12.44
C ASN A 94 23.02 -9.16 -11.22
N TRP A 95 22.79 -10.45 -11.44
CA TRP A 95 22.33 -11.43 -10.42
C TRP A 95 23.37 -11.51 -9.31
N LYS A 96 24.63 -11.57 -9.70
CA LYS A 96 25.74 -11.71 -8.71
C LYS A 96 25.71 -10.55 -7.70
N LYS A 97 25.48 -9.32 -8.18
N LYS A 97 25.47 -9.32 -8.16
CA LYS A 97 25.34 -8.11 -7.33
CA LYS A 97 25.37 -8.14 -7.24
C LYS A 97 24.16 -8.33 -6.35
C LYS A 97 24.15 -8.33 -6.33
N LEU A 98 23.00 -8.75 -6.87
CA LEU A 98 21.76 -8.95 -6.08
C LEU A 98 22.04 -9.94 -4.93
N ILE A 99 22.66 -11.07 -5.26
CA ILE A 99 22.90 -12.14 -4.27
C ILE A 99 23.89 -11.65 -3.21
N ALA A 100 24.94 -10.92 -3.60
CA ALA A 100 25.93 -10.36 -2.65
C ALA A 100 25.20 -9.36 -1.74
N ALA A 101 24.36 -8.48 -2.30
CA ALA A 101 23.60 -7.48 -1.50
C ALA A 101 22.66 -8.23 -0.56
N LYS A 102 21.89 -9.19 -1.06
CA LYS A 102 20.99 -10.00 -0.19
C LYS A 102 21.80 -10.66 0.93
N ASN A 103 22.98 -11.24 0.62
CA ASN A 103 23.77 -12.00 1.62
C ASN A 103 24.19 -11.05 2.74
N GLU A 104 24.62 -9.85 2.37
CA GLU A 104 25.08 -8.85 3.36
C GLU A 104 23.85 -8.48 4.21
N ALA A 105 22.68 -8.27 3.60
CA ALA A 105 21.45 -7.86 4.33
C ALA A 105 21.11 -8.93 5.36
N VAL A 106 21.06 -10.20 4.93
CA VAL A 106 20.70 -11.34 5.82
C VAL A 106 21.75 -11.49 6.93
N LEU A 107 23.05 -11.41 6.60
CA LEU A 107 24.11 -11.54 7.64
C LEU A 107 23.94 -10.46 8.73
N ASP A 108 23.67 -9.21 8.35
CA ASP A 108 23.44 -8.11 9.31
C ASP A 108 22.30 -8.52 10.26
N ILE A 109 21.24 -9.13 9.73
CA ILE A 109 20.11 -9.60 10.60
C ILE A 109 20.60 -10.73 11.49
N ASN A 110 21.38 -11.67 10.96
CA ASN A 110 21.91 -12.77 11.80
C ASN A 110 22.67 -12.17 12.98
N LYS A 111 23.49 -11.16 12.70
CA LYS A 111 24.35 -10.51 13.72
C LYS A 111 23.46 -9.72 14.67
N SER A 112 22.37 -9.15 14.15
CA SER A 112 21.38 -8.40 14.98
C SER A 112 20.87 -9.33 16.09
N TYR A 113 20.60 -10.60 15.77
CA TYR A 113 20.00 -11.59 16.71
C TYR A 113 21.07 -12.09 17.68
N GLU A 114 22.31 -12.16 17.23
CA GLU A 114 23.43 -12.58 18.10
C GLU A 114 23.50 -11.60 19.27
N GLY A 115 23.43 -10.31 18.98
CA GLY A 115 23.49 -9.26 20.01
C GLY A 115 22.37 -9.49 21.02
N MET A 116 21.16 -9.65 20.49
CA MET A 116 19.92 -9.91 21.27
C MET A 116 20.20 -10.97 22.34
N PHE A 117 20.83 -12.10 22.00
CA PHE A 117 21.08 -13.23 22.94
C PHE A 117 22.11 -12.89 24.03
N ASN A 118 23.16 -12.14 23.68
CA ASN A 118 24.20 -11.73 24.65
C ASN A 118 23.65 -10.58 25.51
N ASP A 119 23.00 -9.60 24.86
CA ASP A 119 22.48 -8.34 25.47
C ASP A 119 21.20 -8.59 26.27
N THR A 120 20.93 -9.82 26.74
CA THR A 120 19.63 -10.19 27.35
C THR A 120 19.86 -11.28 28.39
N GLU A 121 19.58 -10.98 29.66
CA GLU A 121 19.85 -11.90 30.79
C GLU A 121 18.90 -13.09 30.69
N GLY A 122 19.37 -14.30 31.02
CA GLY A 122 18.60 -15.55 30.96
C GLY A 122 18.63 -16.14 29.56
N LEU A 123 18.19 -15.36 28.57
CA LEU A 123 18.14 -15.71 27.13
C LEU A 123 19.52 -16.10 26.60
N ASP A 124 19.81 -17.39 26.41
CA ASP A 124 21.12 -17.81 25.87
C ASP A 124 20.95 -18.80 24.71
N PHE A 125 21.75 -18.59 23.66
CA PHE A 125 21.80 -19.40 22.42
C PHE A 125 22.79 -20.55 22.62
N PHE A 126 22.35 -21.77 22.27
CA PHE A 126 23.15 -23.01 22.16
C PHE A 126 23.14 -23.43 20.68
N LEU A 127 24.30 -23.89 20.18
CA LEU A 127 24.53 -24.25 18.77
C LEU A 127 24.58 -25.76 18.69
N GLY A 128 23.93 -26.32 17.68
CA GLY A 128 23.82 -27.76 17.51
C GLY A 128 22.37 -28.16 17.41
N TRP A 129 22.14 -29.47 17.41
CA TRP A 129 20.86 -30.13 17.11
C TRP A 129 20.14 -30.47 18.42
N GLY A 130 19.00 -29.81 18.64
CA GLY A 130 18.02 -30.15 19.70
C GLY A 130 17.28 -31.44 19.38
N SER A 131 17.19 -32.34 20.37
CA SER A 131 16.28 -33.51 20.39
C SER A 131 15.73 -33.66 21.82
N LEU A 132 14.62 -34.40 21.97
CA LEU A 132 13.99 -34.70 23.27
C LEU A 132 14.61 -35.99 23.81
N GLU A 133 15.39 -35.88 24.90
CA GLU A 133 15.84 -37.04 25.70
C GLU A 133 14.63 -37.54 26.49
N SER A 134 14.04 -36.61 27.27
CA SER A 134 12.92 -36.85 28.22
C SER A 134 12.06 -35.60 28.39
N LYS A 135 10.88 -35.80 28.98
CA LYS A 135 9.81 -34.80 29.25
C LYS A 135 10.39 -33.44 29.65
N ASN A 136 11.54 -33.40 30.35
CA ASN A 136 12.09 -32.13 30.92
C ASN A 136 13.58 -31.93 30.57
N VAL A 137 14.11 -32.71 29.63
CA VAL A 137 15.54 -32.61 29.21
C VAL A 137 15.64 -32.54 27.68
N VAL A 138 16.21 -31.45 27.17
CA VAL A 138 16.64 -31.36 25.75
C VAL A 138 18.14 -31.60 25.71
N VAL A 139 18.60 -32.42 24.77
CA VAL A 139 20.04 -32.66 24.53
C VAL A 139 20.42 -31.98 23.20
N VAL A 140 21.45 -31.12 23.24
CA VAL A 140 22.04 -30.48 22.04
C VAL A 140 23.22 -31.33 21.60
N ARG A 141 23.15 -31.90 20.39
CA ARG A 141 24.20 -32.75 19.78
C ARG A 141 24.94 -31.98 18.69
N GLU A 142 26.05 -32.53 18.19
CA GLU A 142 26.95 -31.90 17.20
C GLU A 142 26.33 -32.04 15.80
N THR A 143 25.61 -33.14 15.55
CA THR A 143 24.90 -33.36 14.26
C THR A 143 23.46 -33.84 14.53
N ALA A 144 22.75 -34.06 13.41
CA ALA A 144 21.35 -34.52 13.32
C ALA A 144 21.28 -36.02 13.60
N ASP A 145 22.44 -36.69 13.56
CA ASP A 145 22.55 -38.10 14.00
C ASP A 145 22.33 -38.15 15.52
N PRO A 146 21.33 -38.91 16.01
CA PRO A 146 21.13 -39.07 17.45
C PRO A 146 22.34 -39.62 18.22
N LYS A 147 23.30 -40.25 17.50
CA LYS A 147 24.50 -40.90 18.08
C LYS A 147 25.68 -39.93 18.18
N SER A 148 25.56 -38.70 17.65
CA SER A 148 26.67 -37.70 17.65
C SER A 148 26.87 -37.19 19.09
N ALA A 149 27.94 -36.43 19.32
CA ALA A 149 28.39 -35.98 20.66
C ALA A 149 27.40 -34.99 21.28
N VAL A 150 27.04 -35.20 22.53
CA VAL A 150 26.28 -34.23 23.38
C VAL A 150 27.14 -32.99 23.65
N LYS A 151 26.75 -31.83 23.16
CA LYS A 151 27.40 -30.53 23.43
C LYS A 151 26.79 -29.94 24.71
N GLU A 152 25.50 -30.22 24.96
CA GLU A 152 24.81 -29.75 26.19
C GLU A 152 23.61 -30.64 26.52
N ARG A 153 23.26 -30.63 27.81
CA ARG A 153 22.06 -31.28 28.39
C ARG A 153 21.32 -30.16 29.13
N LEU A 154 20.08 -29.90 28.70
CA LEU A 154 19.28 -28.72 29.14
C LEU A 154 18.06 -29.22 29.93
N GLN A 155 17.92 -28.74 31.17
CA GLN A 155 16.75 -29.00 32.04
C GLN A 155 15.73 -27.90 31.75
N ALA A 156 14.47 -28.31 31.59
CA ALA A 156 13.37 -27.54 30.98
C ALA A 156 12.08 -27.73 31.79
N ASP A 157 11.69 -26.71 32.57
CA ASP A 157 10.33 -26.61 33.19
C ASP A 157 9.30 -26.64 32.05
N HIS A 158 9.66 -26.09 30.87
CA HIS A 158 8.82 -26.05 29.64
C HIS A 158 9.67 -26.19 28.37
N ILE A 159 9.23 -27.03 27.43
CA ILE A 159 9.90 -27.22 26.11
C ILE A 159 9.01 -26.70 24.96
N LEU A 160 9.56 -25.82 24.11
CA LEU A 160 8.89 -25.36 22.86
C LEU A 160 9.61 -25.94 21.64
N LEU A 161 8.88 -26.71 20.84
CA LEU A 161 9.26 -27.18 19.48
C LEU A 161 8.90 -26.11 18.44
N ALA A 162 9.91 -25.56 17.76
CA ALA A 162 9.77 -24.47 16.76
C ALA A 162 10.80 -24.67 15.66
N THR A 163 10.84 -25.87 15.10
CA THR A 163 11.94 -26.31 14.20
C THR A 163 11.55 -26.00 12.76
N GLY A 164 10.34 -25.46 12.55
CA GLY A 164 9.82 -25.06 11.24
C GLY A 164 9.66 -26.24 10.29
N SER A 165 9.86 -25.98 8.98
CA SER A 165 9.62 -26.89 7.84
C SER A 165 10.86 -26.95 6.92
N TRP A 166 10.71 -27.70 5.85
CA TRP A 166 11.84 -28.05 4.98
C TRP A 166 11.25 -28.41 3.64
N PRO A 167 11.91 -28.08 2.52
CA PRO A 167 11.32 -28.32 1.22
C PRO A 167 11.13 -29.83 1.02
N GLN A 168 10.00 -30.21 0.44
CA GLN A 168 9.73 -31.61 0.04
C GLN A 168 10.28 -31.80 -1.37
N MET A 169 11.08 -32.84 -1.58
CA MET A 169 11.66 -33.15 -2.91
C MET A 169 11.07 -34.47 -3.40
N PRO A 170 10.34 -34.45 -4.52
CA PRO A 170 9.66 -35.64 -5.01
C PRO A 170 10.71 -36.70 -5.36
N ALA A 171 10.45 -37.96 -4.98
CA ALA A 171 11.42 -39.07 -5.04
C ALA A 171 11.45 -39.60 -6.47
N ILE A 172 11.78 -38.73 -7.43
CA ILE A 172 11.85 -39.10 -8.87
C ILE A 172 13.29 -39.35 -9.28
N PRO A 173 13.54 -40.17 -10.33
CA PRO A 173 14.90 -40.33 -10.86
C PRO A 173 15.48 -38.98 -11.30
N GLY A 174 16.67 -38.64 -10.77
CA GLY A 174 17.40 -37.38 -11.05
C GLY A 174 16.99 -36.21 -10.13
N ILE A 175 16.34 -36.48 -9.01
CA ILE A 175 15.97 -35.41 -8.04
C ILE A 175 17.26 -34.73 -7.57
N GLU A 176 18.39 -35.46 -7.58
CA GLU A 176 19.69 -34.91 -7.14
C GLU A 176 20.20 -33.81 -8.08
N HIS A 177 19.66 -33.66 -9.30
CA HIS A 177 20.04 -32.60 -10.26
C HIS A 177 19.23 -31.32 -9.98
N CYS A 178 18.22 -31.44 -9.12
CA CYS A 178 17.21 -30.38 -8.84
C CYS A 178 17.62 -29.59 -7.60
N ILE A 179 17.07 -28.39 -7.46
CA ILE A 179 17.28 -27.59 -6.24
C ILE A 179 15.92 -27.30 -5.62
N SER A 180 15.98 -26.80 -4.39
CA SER A 180 14.85 -26.18 -3.68
C SER A 180 15.11 -24.67 -3.63
N SER A 181 14.18 -23.97 -3.01
CA SER A 181 14.30 -22.54 -2.74
C SER A 181 15.61 -22.34 -1.97
N ASN A 182 16.06 -23.29 -1.15
CA ASN A 182 17.30 -23.14 -0.34
C ASN A 182 18.49 -22.77 -1.24
N GLU A 183 18.76 -23.58 -2.25
CA GLU A 183 19.88 -23.41 -3.19
C GLU A 183 19.63 -22.23 -4.11
N ALA A 184 18.37 -21.96 -4.43
CA ALA A 184 18.00 -20.85 -5.35
C ALA A 184 18.59 -19.54 -4.83
N PHE A 185 18.61 -19.35 -3.51
CA PHE A 185 19.16 -18.14 -2.85
C PHE A 185 20.68 -18.03 -3.06
N TYR A 186 21.37 -19.08 -3.51
CA TYR A 186 22.84 -19.04 -3.59
C TYR A 186 23.35 -19.41 -4.99
N LEU A 187 22.48 -19.49 -5.99
CA LEU A 187 22.95 -19.79 -7.36
C LEU A 187 24.05 -18.81 -7.73
N PRO A 188 25.22 -19.28 -8.23
CA PRO A 188 26.31 -18.36 -8.57
C PRO A 188 26.02 -17.53 -9.83
N GLU A 189 25.12 -18.01 -10.68
CA GLU A 189 24.73 -17.37 -11.97
C GLU A 189 23.22 -17.48 -12.15
N PRO A 190 22.57 -16.50 -12.81
CA PRO A 190 21.13 -16.51 -13.03
C PRO A 190 20.92 -17.50 -14.17
N PRO A 191 20.00 -18.48 -14.02
CA PRO A 191 19.76 -19.45 -15.09
C PRO A 191 19.14 -18.79 -16.32
N ARG A 192 19.57 -19.24 -17.49
CA ARG A 192 19.00 -18.80 -18.77
C ARG A 192 17.62 -19.45 -18.91
N ARG A 193 17.55 -20.75 -18.60
CA ARG A 193 16.29 -21.53 -18.68
C ARG A 193 16.05 -22.18 -17.34
N VAL A 194 14.87 -21.94 -16.78
CA VAL A 194 14.54 -22.53 -15.46
C VAL A 194 13.12 -23.08 -15.50
N LEU A 195 12.99 -24.23 -14.85
CA LEU A 195 11.69 -24.85 -14.55
C LEU A 195 11.46 -24.69 -13.06
N THR A 196 10.46 -23.90 -12.71
CA THR A 196 9.94 -23.86 -11.32
C THR A 196 8.80 -24.87 -11.25
N VAL A 197 8.94 -25.84 -10.34
CA VAL A 197 7.96 -26.95 -10.19
C VAL A 197 7.08 -26.65 -8.98
N GLY A 198 5.81 -26.41 -9.25
CA GLY A 198 4.77 -26.19 -8.23
C GLY A 198 3.96 -24.96 -8.55
N GLY A 199 2.78 -24.86 -7.94
CA GLY A 199 1.78 -23.83 -8.23
C GLY A 199 1.54 -22.93 -7.03
N GLY A 200 2.34 -23.06 -6.00
CA GLY A 200 2.21 -22.28 -4.76
C GLY A 200 3.00 -20.99 -4.86
N PHE A 201 3.02 -20.24 -3.78
CA PHE A 201 3.60 -18.88 -3.75
C PHE A 201 5.11 -18.96 -4.04
N ILE A 202 5.82 -19.99 -3.57
CA ILE A 202 7.31 -20.05 -3.72
C ILE A 202 7.68 -20.23 -5.20
N SER A 203 6.99 -21.13 -5.89
CA SER A 203 7.21 -21.37 -7.34
C SER A 203 6.91 -20.08 -8.11
N VAL A 204 5.77 -19.44 -7.82
CA VAL A 204 5.28 -18.23 -8.53
C VAL A 204 6.25 -17.05 -8.28
N GLU A 205 6.66 -16.84 -7.04
CA GLU A 205 7.56 -15.72 -6.66
C GLU A 205 8.91 -15.91 -7.36
N PHE A 206 9.47 -17.12 -7.31
CA PHE A 206 10.78 -17.44 -7.92
C PHE A 206 10.67 -17.35 -9.44
N ALA A 207 9.53 -17.71 -10.04
CA ALA A 207 9.39 -17.59 -11.51
C ALA A 207 9.55 -16.11 -11.87
N GLY A 208 8.94 -15.21 -11.09
CA GLY A 208 9.08 -13.77 -11.30
C GLY A 208 10.52 -13.30 -11.16
N ILE A 209 11.21 -13.74 -10.12
CA ILE A 209 12.62 -13.35 -9.87
C ILE A 209 13.47 -13.82 -11.07
N PHE A 210 13.40 -15.11 -11.42
CA PHE A 210 14.26 -15.69 -12.48
C PHE A 210 13.95 -14.99 -13.78
N ASN A 211 12.71 -14.58 -13.95
CA ASN A 211 12.25 -13.96 -15.21
C ASN A 211 12.92 -12.61 -15.40
N ALA A 212 13.17 -11.89 -14.32
CA ALA A 212 13.76 -10.54 -14.41
C ALA A 212 15.28 -10.64 -14.62
N TYR A 213 15.93 -11.67 -14.05
CA TYR A 213 17.41 -11.75 -13.99
C TYR A 213 17.97 -12.70 -15.05
N LYS A 214 17.12 -13.30 -15.90
CA LYS A 214 17.59 -14.28 -16.91
C LYS A 214 18.50 -13.57 -17.92
N PRO A 215 19.58 -14.24 -18.36
CA PRO A 215 20.43 -13.71 -19.43
C PRO A 215 19.69 -13.70 -20.77
N PRO A 216 20.24 -13.02 -21.80
CA PRO A 216 19.56 -12.93 -23.10
C PRO A 216 19.23 -14.34 -23.62
N GLY A 217 18.14 -14.46 -24.38
CA GLY A 217 17.61 -15.74 -24.89
C GLY A 217 17.16 -16.64 -23.75
N GLY A 218 16.68 -16.05 -22.66
CA GLY A 218 16.29 -16.78 -21.44
C GLY A 218 14.83 -17.17 -21.49
N LYS A 219 14.43 -18.16 -20.69
CA LYS A 219 13.02 -18.62 -20.60
C LYS A 219 12.74 -19.18 -19.22
N VAL A 220 11.71 -18.65 -18.59
CA VAL A 220 11.18 -19.17 -17.30
C VAL A 220 9.92 -19.99 -17.60
N THR A 221 9.96 -21.26 -17.22
CA THR A 221 8.80 -22.17 -17.28
C THR A 221 8.38 -22.54 -15.86
N LEU A 222 7.10 -22.35 -15.56
CA LEU A 222 6.51 -22.81 -14.28
C LEU A 222 5.62 -23.98 -14.63
N CYS A 223 5.81 -25.14 -14.01
CA CYS A 223 4.85 -26.26 -14.19
C CYS A 223 4.05 -26.48 -12.90
N TYR A 224 2.79 -26.88 -13.06
CA TYR A 224 1.93 -27.29 -11.94
C TYR A 224 1.06 -28.50 -12.32
N ARG A 225 0.95 -29.46 -11.40
CA ARG A 225 0.39 -30.80 -11.70
C ARG A 225 -1.11 -30.68 -12.00
N ASN A 226 -1.81 -29.67 -11.47
CA ASN A 226 -3.27 -29.53 -11.70
C ASN A 226 -3.51 -28.38 -12.67
N ASN A 227 -4.76 -27.92 -12.79
CA ASN A 227 -5.23 -27.10 -13.92
C ASN A 227 -4.96 -25.60 -13.75
N LEU A 228 -4.76 -25.13 -12.52
CA LEU A 228 -4.74 -23.66 -12.20
C LEU A 228 -3.88 -23.43 -10.96
N ILE A 229 -2.87 -22.55 -11.06
CA ILE A 229 -1.89 -22.29 -9.98
C ILE A 229 -2.62 -21.66 -8.79
N LEU A 230 -1.94 -21.60 -7.64
CA LEU A 230 -2.36 -20.81 -6.45
C LEU A 230 -3.71 -21.30 -5.92
N ARG A 231 -3.83 -22.62 -5.77
CA ARG A 231 -4.94 -23.24 -5.01
C ARG A 231 -5.04 -22.53 -3.67
N GLY A 232 -6.26 -22.19 -3.26
CA GLY A 232 -6.58 -21.61 -1.94
C GLY A 232 -6.72 -20.11 -2.02
N PHE A 233 -6.27 -19.53 -3.15
CA PHE A 233 -6.45 -18.09 -3.45
C PHE A 233 -7.74 -17.95 -4.25
N ASP A 234 -8.23 -16.71 -4.30
CA ASP A 234 -9.46 -16.31 -5.04
C ASP A 234 -9.32 -16.74 -6.49
N GLU A 235 -10.40 -17.27 -7.07
CA GLU A 235 -10.30 -17.87 -8.43
C GLU A 235 -10.00 -16.80 -9.48
N THR A 236 -10.68 -15.67 -9.43
CA THR A 236 -10.46 -14.54 -10.36
C THR A 236 -8.97 -14.18 -10.34
N ILE A 237 -8.41 -14.07 -9.13
CA ILE A 237 -6.98 -13.71 -8.98
C ILE A 237 -6.09 -14.82 -9.52
N ARG A 238 -6.40 -16.09 -9.29
CA ARG A 238 -5.58 -17.19 -9.82
C ARG A 238 -5.48 -17.09 -11.34
N GLU A 239 -6.60 -16.88 -12.02
CA GLU A 239 -6.65 -16.77 -13.49
C GLU A 239 -5.89 -15.51 -13.91
N GLU A 240 -6.05 -14.41 -13.19
CA GLU A 240 -5.43 -13.12 -13.57
C GLU A 240 -3.91 -13.16 -13.43
N VAL A 241 -3.40 -13.65 -12.28
N VAL A 241 -3.39 -13.67 -12.30
CA VAL A 241 -1.94 -13.80 -12.05
CA VAL A 241 -1.92 -13.77 -12.07
C VAL A 241 -1.39 -14.64 -13.20
C VAL A 241 -1.35 -14.67 -13.17
N THR A 242 -2.06 -15.76 -13.51
CA THR A 242 -1.68 -16.68 -14.62
C THR A 242 -1.49 -15.87 -15.90
N LYS A 243 -2.44 -15.01 -16.25
CA LYS A 243 -2.40 -14.15 -17.45
C LYS A 243 -1.24 -13.17 -17.35
N GLN A 244 -1.06 -12.53 -16.19
CA GLN A 244 -0.12 -11.39 -16.02
C GLN A 244 1.30 -11.94 -15.99
N LEU A 245 1.49 -13.17 -15.50
CA LEU A 245 2.81 -13.85 -15.53
C LEU A 245 3.12 -14.20 -16.99
N THR A 246 2.12 -14.73 -17.72
CA THR A 246 2.24 -15.09 -19.16
C THR A 246 2.56 -13.83 -19.96
N ALA A 247 1.89 -12.72 -19.67
CA ALA A 247 2.12 -11.45 -20.39
C ALA A 247 3.57 -10.96 -20.18
N ASN A 248 4.24 -11.39 -19.11
CA ASN A 248 5.60 -10.90 -18.79
C ASN A 248 6.65 -11.94 -19.19
N GLY A 249 6.24 -12.95 -19.97
CA GLY A 249 7.13 -13.88 -20.69
C GLY A 249 7.28 -15.22 -19.99
N ILE A 250 6.57 -15.44 -18.89
CA ILE A 250 6.70 -16.73 -18.14
C ILE A 250 5.76 -17.72 -18.82
N GLU A 251 6.26 -18.92 -19.10
CA GLU A 251 5.43 -20.00 -19.70
C GLU A 251 4.85 -20.84 -18.55
N ILE A 252 3.52 -20.88 -18.43
CA ILE A 252 2.80 -21.65 -17.38
C ILE A 252 2.36 -22.99 -18.00
N MET A 253 3.01 -24.10 -17.62
CA MET A 253 2.62 -25.49 -18.02
C MET A 253 1.74 -26.06 -16.90
N THR A 254 0.43 -26.09 -17.08
CA THR A 254 -0.52 -26.70 -16.11
C THR A 254 -0.84 -28.14 -16.53
N ASN A 255 -1.32 -28.96 -15.60
CA ASN A 255 -1.54 -30.41 -15.83
C ASN A 255 -0.25 -31.10 -16.28
N GLU A 256 0.91 -30.66 -15.79
CA GLU A 256 2.24 -31.25 -16.12
C GLU A 256 3.08 -31.41 -14.86
N ASN A 257 3.85 -32.49 -14.80
CA ASN A 257 4.65 -32.83 -13.61
C ASN A 257 5.86 -33.63 -14.07
N PRO A 258 7.10 -33.24 -13.67
CA PRO A 258 8.31 -34.01 -13.94
C PRO A 258 8.21 -35.46 -13.45
N ALA A 259 8.57 -36.40 -14.32
CA ALA A 259 8.67 -37.84 -14.04
C ALA A 259 10.14 -38.20 -13.81
N LYS A 260 11.05 -37.49 -14.47
CA LYS A 260 12.48 -37.64 -14.18
C LYS A 260 13.28 -36.50 -14.79
N VAL A 261 14.51 -36.38 -14.29
CA VAL A 261 15.54 -35.43 -14.78
C VAL A 261 16.83 -36.23 -14.99
N SER A 262 17.49 -36.00 -16.12
CA SER A 262 18.88 -36.44 -16.38
C SER A 262 19.75 -35.22 -16.69
N LEU A 263 21.04 -35.30 -16.39
CA LEU A 263 22.05 -34.33 -16.86
C LEU A 263 22.32 -34.59 -18.36
N ASN A 264 22.23 -33.55 -19.17
CA ASN A 264 22.85 -33.51 -20.52
C ASN A 264 24.36 -33.37 -20.36
N THR A 265 25.13 -33.69 -21.41
CA THR A 265 26.62 -33.73 -21.37
C THR A 265 27.17 -32.31 -21.08
N ASP A 266 26.43 -31.24 -21.39
CA ASP A 266 26.84 -29.83 -21.14
C ASP A 266 26.44 -29.34 -19.71
N GLY A 267 25.89 -30.21 -18.85
CA GLY A 267 25.55 -29.89 -17.45
C GLY A 267 24.11 -29.40 -17.32
N SER A 268 23.41 -29.19 -18.44
CA SER A 268 22.00 -28.76 -18.45
C SER A 268 21.12 -29.96 -18.06
N LYS A 269 19.85 -29.70 -17.79
CA LYS A 269 18.89 -30.68 -17.23
C LYS A 269 17.88 -31.06 -18.30
N HIS A 270 17.73 -32.36 -18.52
CA HIS A 270 16.71 -32.92 -19.44
C HIS A 270 15.56 -33.42 -18.57
N VAL A 271 14.45 -32.69 -18.59
CA VAL A 271 13.23 -32.96 -17.80
C VAL A 271 12.29 -33.76 -18.69
N THR A 272 11.87 -34.94 -18.20
CA THR A 272 10.76 -35.70 -18.82
C THR A 272 9.52 -35.57 -17.92
N PHE A 273 8.43 -35.10 -18.49
CA PHE A 273 7.15 -34.95 -17.78
C PHE A 273 6.42 -36.30 -17.82
N GLU A 274 5.49 -36.50 -16.88
CA GLU A 274 4.52 -37.63 -16.86
C GLU A 274 3.82 -37.75 -18.23
N SER A 275 3.49 -36.62 -18.87
CA SER A 275 2.78 -36.55 -20.18
C SER A 275 3.67 -37.06 -21.34
N GLY A 276 4.98 -37.22 -21.14
CA GLY A 276 5.93 -37.60 -22.20
C GLY A 276 6.66 -36.39 -22.79
N LYS A 277 6.15 -35.18 -22.57
CA LYS A 277 6.86 -33.92 -22.95
C LYS A 277 8.24 -33.90 -22.30
N THR A 278 9.18 -33.24 -22.99
CA THR A 278 10.53 -32.96 -22.46
C THR A 278 10.75 -31.45 -22.53
N LEU A 279 11.73 -31.01 -21.75
CA LEU A 279 12.19 -29.62 -21.68
C LEU A 279 13.62 -29.66 -21.16
N ASP A 280 14.50 -28.88 -21.80
CA ASP A 280 15.90 -28.66 -21.34
C ASP A 280 15.96 -27.31 -20.63
N VAL A 281 16.54 -27.31 -19.43
CA VAL A 281 16.66 -26.09 -18.60
C VAL A 281 18.01 -26.14 -17.90
N ASP A 282 18.42 -24.99 -17.37
CA ASP A 282 19.68 -24.87 -16.62
C ASP A 282 19.42 -25.17 -15.16
N VAL A 283 18.22 -24.85 -14.66
CA VAL A 283 17.82 -25.13 -13.25
C VAL A 283 16.40 -25.70 -13.23
N VAL A 284 16.24 -26.74 -12.38
CA VAL A 284 14.94 -27.30 -11.94
C VAL A 284 14.81 -26.98 -10.45
N MET A 285 13.92 -26.05 -10.15
CA MET A 285 13.65 -25.64 -8.76
C MET A 285 12.35 -26.29 -8.35
N MET A 286 12.45 -27.17 -7.36
CA MET A 286 11.25 -27.87 -6.85
C MET A 286 10.65 -26.99 -5.75
N ALA A 287 9.36 -26.66 -5.87
CA ALA A 287 8.62 -25.87 -4.84
C ALA A 287 7.22 -26.45 -4.70
N ILE A 288 7.13 -27.73 -4.36
CA ILE A 288 5.85 -28.52 -4.43
C ILE A 288 5.28 -28.60 -3.02
N GLY A 289 6.02 -28.21 -2.00
CA GLY A 289 5.50 -28.20 -0.62
C GLY A 289 6.61 -28.18 0.36
N ARG A 290 6.29 -27.80 1.59
CA ARG A 290 7.24 -27.85 2.73
C ARG A 290 6.62 -28.74 3.79
N ILE A 291 7.46 -29.48 4.51
CA ILE A 291 7.01 -30.48 5.49
C ILE A 291 7.68 -30.14 6.81
N PRO A 292 6.96 -30.41 7.92
CA PRO A 292 7.48 -30.10 9.24
C PRO A 292 8.75 -30.90 9.57
N ARG A 293 9.66 -30.26 10.29
CA ARG A 293 10.95 -30.84 10.73
C ARG A 293 10.77 -31.47 12.09
N THR A 294 10.28 -32.71 12.11
CA THR A 294 9.98 -33.48 13.34
C THR A 294 11.00 -34.63 13.55
N ASN A 295 11.45 -35.28 12.49
CA ASN A 295 12.45 -36.39 12.51
C ASN A 295 13.51 -36.18 13.60
N ASP A 296 14.19 -35.04 13.54
CA ASP A 296 15.48 -34.81 14.24
C ASP A 296 15.26 -34.54 15.72
N LEU A 297 14.01 -34.34 16.13
CA LEU A 297 13.71 -34.03 17.55
C LEU A 297 13.64 -35.32 18.38
N GLN A 298 13.48 -36.47 17.71
CA GLN A 298 13.35 -37.81 18.34
C GLN A 298 12.11 -37.78 19.23
N LEU A 299 10.93 -37.63 18.62
CA LEU A 299 9.66 -37.42 19.35
C LEU A 299 9.19 -38.76 19.94
N GLY A 300 9.59 -39.88 19.34
CA GLY A 300 9.32 -41.25 19.84
C GLY A 300 9.81 -41.44 21.27
N ASN A 301 10.88 -40.74 21.65
CA ASN A 301 11.53 -40.79 22.98
C ASN A 301 10.60 -40.34 24.11
N VAL A 302 9.70 -39.38 23.86
CA VAL A 302 8.78 -38.84 24.91
C VAL A 302 7.31 -39.02 24.50
N GLY A 303 7.05 -39.54 23.28
CA GLY A 303 5.70 -39.76 22.75
C GLY A 303 4.95 -38.44 22.60
N VAL A 304 5.52 -37.49 21.85
CA VAL A 304 4.75 -36.33 21.32
C VAL A 304 3.98 -36.84 20.10
N LYS A 305 2.67 -36.60 20.05
CA LYS A 305 1.82 -37.14 18.95
C LYS A 305 1.93 -36.22 17.73
N LEU A 306 2.07 -36.85 16.54
CA LEU A 306 2.05 -36.20 15.20
C LEU A 306 0.69 -36.49 14.54
N THR A 307 0.32 -35.68 13.55
CA THR A 307 -0.99 -35.73 12.85
C THR A 307 -0.93 -36.75 11.73
N PRO A 308 -2.10 -37.18 11.19
CA PRO A 308 -2.15 -38.01 9.99
C PRO A 308 -1.29 -37.40 8.87
N LYS A 309 -1.07 -36.08 8.90
CA LYS A 309 -0.28 -35.32 7.90
C LYS A 309 1.20 -35.26 8.29
N GLY A 310 1.55 -35.30 9.59
CA GLY A 310 2.95 -35.39 10.04
C GLY A 310 3.41 -34.18 10.87
N GLY A 311 2.56 -33.17 11.06
CA GLY A 311 2.83 -32.04 11.98
C GLY A 311 2.56 -32.43 13.42
N VAL A 312 3.30 -31.82 14.35
CA VAL A 312 3.05 -31.97 15.81
C VAL A 312 1.59 -31.60 16.03
N GLN A 313 0.79 -32.51 16.59
CA GLN A 313 -0.61 -32.21 16.96
C GLN A 313 -0.57 -31.22 18.11
N VAL A 314 -1.42 -30.19 18.06
CA VAL A 314 -1.49 -29.17 19.13
C VAL A 314 -2.96 -28.82 19.36
N ASP A 315 -3.27 -28.32 20.55
CA ASP A 315 -4.60 -27.75 20.86
C ASP A 315 -4.48 -26.27 20.49
N GLU A 316 -5.53 -25.50 20.74
CA GLU A 316 -5.59 -24.05 20.43
C GLU A 316 -4.55 -23.26 21.22
N PHE A 317 -3.98 -23.83 22.32
CA PHE A 317 -2.96 -23.17 23.18
C PHE A 317 -1.53 -23.67 22.84
N SER A 318 -1.39 -24.37 21.71
CA SER A 318 -0.10 -24.83 21.14
C SER A 318 0.46 -25.94 22.04
N ARG A 319 -0.41 -26.59 22.82
CA ARG A 319 0.00 -27.66 23.78
C ARG A 319 -0.03 -28.99 23.05
N THR A 320 1.06 -29.76 23.18
CA THR A 320 1.16 -31.17 22.73
C THR A 320 0.36 -32.05 23.70
N ASN A 321 0.30 -33.35 23.45
CA ASN A 321 -0.23 -34.36 24.40
C ASN A 321 0.66 -34.42 25.66
N VAL A 322 1.90 -33.93 25.63
CA VAL A 322 2.84 -34.06 26.78
C VAL A 322 2.87 -32.74 27.53
N PRO A 323 2.43 -32.70 28.82
CA PRO A 323 2.50 -31.48 29.60
C PRO A 323 3.91 -30.86 29.56
N ASN A 324 4.03 -29.53 29.69
CA ASN A 324 5.32 -28.78 29.65
C ASN A 324 5.87 -28.65 28.22
N ILE A 325 5.36 -29.44 27.26
CA ILE A 325 5.87 -29.46 25.84
C ILE A 325 4.83 -28.83 24.90
N TYR A 326 5.23 -27.79 24.17
CA TYR A 326 4.40 -27.00 23.22
C TYR A 326 5.05 -27.01 21.84
N ALA A 327 4.27 -26.71 20.79
CA ALA A 327 4.74 -26.54 19.39
C ALA A 327 4.02 -25.36 18.72
N ILE A 328 4.78 -24.46 18.11
CA ILE A 328 4.26 -23.33 17.26
C ILE A 328 4.90 -23.38 15.87
N GLY A 329 4.29 -22.63 14.95
CA GLY A 329 4.81 -22.36 13.60
C GLY A 329 4.72 -23.57 12.69
N ASP A 330 5.61 -23.66 11.72
CA ASP A 330 5.45 -24.56 10.55
C ASP A 330 5.50 -26.01 11.03
N ILE A 331 6.12 -26.33 12.18
CA ILE A 331 6.16 -27.75 12.66
C ILE A 331 4.73 -28.24 12.90
N THR A 332 3.77 -27.32 13.16
CA THR A 332 2.35 -27.70 13.40
C THR A 332 1.66 -27.92 12.04
N ASP A 333 2.29 -27.60 10.91
CA ASP A 333 1.79 -27.93 9.55
C ASP A 333 0.37 -27.41 9.32
N ARG A 334 0.14 -26.13 9.60
CA ARG A 334 -1.16 -25.45 9.36
C ARG A 334 -0.87 -24.31 8.38
N LEU A 335 -1.04 -23.05 8.81
N LEU A 335 -0.99 -23.05 8.82
CA LEU A 335 -0.64 -21.84 8.05
CA LEU A 335 -0.66 -21.87 7.98
C LEU A 335 0.86 -21.65 8.22
C LEU A 335 0.82 -21.55 8.16
N MET A 336 1.63 -21.82 7.13
CA MET A 336 3.10 -21.66 7.21
C MET A 336 3.42 -20.20 6.87
N LEU A 337 3.22 -19.32 7.85
CA LEU A 337 3.53 -17.88 7.74
C LEU A 337 4.31 -17.45 8.98
N THR A 338 5.24 -16.53 8.79
CA THR A 338 6.08 -15.99 9.88
C THR A 338 5.19 -15.33 10.93
N PRO A 339 4.28 -14.40 10.56
CA PRO A 339 3.49 -13.67 11.57
C PRO A 339 2.56 -14.58 12.38
N VAL A 340 2.15 -15.69 11.80
CA VAL A 340 1.37 -16.71 12.52
C VAL A 340 2.29 -17.35 13.55
N ALA A 341 3.46 -17.84 13.14
CA ALA A 341 4.46 -18.39 14.10
C ALA A 341 4.66 -17.38 15.24
N ILE A 342 4.88 -16.11 14.90
CA ILE A 342 5.22 -15.09 15.93
C ILE A 342 4.01 -14.96 16.87
N ASN A 343 2.81 -14.89 16.31
CA ASN A 343 1.56 -14.73 17.09
C ASN A 343 1.42 -15.88 18.09
N GLU A 344 1.64 -17.12 17.64
CA GLU A 344 1.54 -18.36 18.45
C GLU A 344 2.54 -18.32 19.61
N GLY A 345 3.80 -17.99 19.31
CA GLY A 345 4.85 -17.78 20.33
C GLY A 345 4.46 -16.76 21.39
N ALA A 346 4.04 -15.56 20.96
CA ALA A 346 3.59 -14.44 21.81
C ALA A 346 2.44 -14.92 22.70
N ALA A 347 1.49 -15.68 22.15
CA ALA A 347 0.29 -16.17 22.87
C ALA A 347 0.70 -17.22 23.91
N LEU A 348 1.53 -18.18 23.49
CA LEU A 348 1.99 -19.32 24.32
C LEU A 348 2.68 -18.80 25.58
N VAL A 349 3.56 -17.82 25.41
CA VAL A 349 4.33 -17.19 26.52
C VAL A 349 3.40 -16.29 27.36
N ASP A 350 2.57 -15.45 26.73
CA ASP A 350 1.60 -14.59 27.48
C ASP A 350 0.69 -15.51 28.29
N THR A 351 0.39 -16.71 27.76
CA THR A 351 -0.45 -17.75 28.43
C THR A 351 0.35 -18.27 29.62
N VAL A 352 1.37 -19.10 29.34
CA VAL A 352 2.09 -19.98 30.32
C VAL A 352 2.84 -19.14 31.37
N PHE A 353 3.49 -18.04 30.98
CA PHE A 353 4.40 -17.27 31.86
C PHE A 353 3.70 -15.97 32.30
N GLY A 354 2.83 -15.42 31.46
CA GLY A 354 2.08 -14.19 31.79
C GLY A 354 0.83 -14.47 32.61
N ASN A 355 0.39 -15.73 32.70
CA ASN A 355 -0.88 -16.05 33.38
C ASN A 355 -2.00 -15.29 32.69
N LYS A 356 -1.93 -15.15 31.37
CA LYS A 356 -2.90 -14.35 30.58
C LYS A 356 -3.22 -15.22 29.37
N PRO A 357 -4.00 -16.31 29.52
CA PRO A 357 -4.20 -17.24 28.42
C PRO A 357 -4.81 -16.50 27.22
N ARG A 358 -4.28 -16.84 26.06
CA ARG A 358 -4.64 -16.23 24.76
C ARG A 358 -4.31 -17.26 23.70
N LYS A 359 -5.17 -17.36 22.68
CA LYS A 359 -5.07 -18.35 21.60
C LYS A 359 -4.93 -17.58 20.29
N THR A 360 -4.06 -18.07 19.41
CA THR A 360 -3.93 -17.47 18.06
C THR A 360 -5.24 -17.71 17.32
N ASP A 361 -5.73 -16.68 16.66
CA ASP A 361 -6.85 -16.77 15.70
C ASP A 361 -6.28 -17.11 14.32
N HIS A 362 -6.63 -18.27 13.78
CA HIS A 362 -6.11 -18.74 12.47
C HIS A 362 -7.09 -18.32 11.38
N THR A 363 -8.15 -17.57 11.72
CA THR A 363 -9.11 -16.98 10.74
C THR A 363 -8.69 -15.54 10.44
N ARG A 364 -9.04 -15.08 9.25
CA ARG A 364 -9.00 -13.63 8.94
C ARG A 364 -7.54 -13.21 9.01
N VAL A 365 -6.66 -14.07 8.52
CA VAL A 365 -5.21 -13.77 8.51
C VAL A 365 -4.85 -13.10 7.18
N ALA A 366 -4.34 -11.89 7.25
CA ALA A 366 -3.87 -11.20 6.04
C ALA A 366 -2.57 -11.88 5.57
N SER A 367 -2.42 -12.09 4.27
CA SER A 367 -1.19 -12.70 3.72
C SER A 367 -1.00 -12.15 2.32
N ALA A 368 0.13 -12.48 1.70
CA ALA A 368 0.44 -11.91 0.37
C ALA A 368 1.22 -12.93 -0.43
N VAL A 369 1.18 -12.73 -1.74
CA VAL A 369 2.09 -13.38 -2.70
C VAL A 369 2.81 -12.23 -3.41
N PHE A 370 4.12 -12.19 -3.33
CA PHE A 370 4.96 -11.17 -4.02
C PHE A 370 5.24 -11.69 -5.42
N SER A 371 4.13 -12.06 -6.06
CA SER A 371 4.06 -12.23 -7.51
C SER A 371 4.23 -10.84 -8.11
N ILE A 372 4.55 -10.76 -9.38
CA ILE A 372 4.53 -9.45 -10.09
C ILE A 372 3.41 -9.55 -11.12
N PRO A 373 2.32 -8.76 -10.94
CA PRO A 373 2.03 -8.00 -9.73
C PRO A 373 1.57 -8.85 -8.55
N PRO A 374 1.56 -8.30 -7.30
CA PRO A 374 1.33 -9.11 -6.12
C PRO A 374 -0.14 -9.24 -5.69
N ILE A 375 -0.34 -10.20 -4.81
CA ILE A 375 -1.61 -10.59 -4.18
C ILE A 375 -1.57 -10.15 -2.73
N GLY A 376 -2.66 -9.54 -2.28
CA GLY A 376 -2.96 -9.28 -0.86
C GLY A 376 -4.32 -9.87 -0.56
N THR A 377 -4.42 -10.72 0.46
CA THR A 377 -5.67 -11.47 0.76
C THR A 377 -5.86 -11.60 2.27
N CYS A 378 -7.13 -11.57 2.70
CA CYS A 378 -7.51 -11.77 4.12
C CYS A 378 -8.87 -12.46 4.13
N GLY A 379 -8.97 -13.60 4.80
CA GLY A 379 -10.26 -14.27 5.04
C GLY A 379 -10.66 -15.19 3.91
N LEU A 380 -11.97 -15.41 3.79
CA LEU A 380 -12.49 -16.58 3.03
C LEU A 380 -12.57 -16.23 1.55
N ILE A 381 -12.16 -17.17 0.72
CA ILE A 381 -12.54 -17.17 -0.73
C ILE A 381 -14.02 -17.58 -0.81
N GLU A 382 -14.69 -17.06 -1.83
CA GLU A 382 -16.15 -17.19 -2.01
C GLU A 382 -16.60 -18.65 -2.02
N GLU A 383 -15.84 -19.55 -2.63
CA GLU A 383 -16.24 -20.99 -2.73
C GLU A 383 -16.35 -21.58 -1.32
N VAL A 384 -15.45 -21.13 -0.44
CA VAL A 384 -15.42 -21.59 0.97
C VAL A 384 -16.57 -20.91 1.71
N ALA A 385 -16.73 -19.59 1.60
CA ALA A 385 -17.86 -18.84 2.19
C ALA A 385 -19.19 -19.54 1.85
N ALA A 386 -19.37 -19.87 0.57
CA ALA A 386 -20.63 -20.35 -0.04
C ALA A 386 -21.06 -21.68 0.60
N LYS A 387 -20.12 -22.45 1.13
CA LYS A 387 -20.40 -23.75 1.81
C LYS A 387 -20.76 -23.54 3.27
N GLU A 388 -20.50 -22.37 3.86
CA GLU A 388 -20.71 -22.08 5.31
C GLU A 388 -21.93 -21.18 5.54
N PHE A 389 -22.26 -20.33 4.57
CA PHE A 389 -23.26 -19.25 4.73
C PHE A 389 -24.31 -19.49 3.66
N GLU A 390 -25.59 -19.31 4.02
N GLU A 390 -25.59 -19.28 4.01
CA GLU A 390 -26.76 -19.51 3.13
CA GLU A 390 -26.76 -19.52 3.13
C GLU A 390 -26.64 -18.56 1.93
C GLU A 390 -26.73 -18.54 1.95
N LYS A 391 -26.40 -17.27 2.20
CA LYS A 391 -26.31 -16.22 1.16
C LYS A 391 -25.00 -15.44 1.32
N VAL A 392 -24.17 -15.50 0.27
CA VAL A 392 -22.85 -14.85 0.13
C VAL A 392 -22.97 -13.85 -1.01
N ALA A 393 -22.56 -12.60 -0.78
CA ALA A 393 -22.42 -11.59 -1.86
C ALA A 393 -20.94 -11.46 -2.25
N VAL A 394 -20.70 -11.33 -3.55
CA VAL A 394 -19.34 -11.00 -4.09
C VAL A 394 -19.40 -9.64 -4.77
N TYR A 395 -18.58 -8.72 -4.27
CA TYR A 395 -18.37 -7.36 -4.82
C TYR A 395 -17.04 -7.42 -5.56
N MET A 396 -16.98 -6.98 -6.80
CA MET A 396 -15.76 -7.16 -7.61
C MET A 396 -15.54 -5.89 -8.44
N SER A 397 -14.31 -5.39 -8.44
CA SER A 397 -13.87 -4.31 -9.34
C SER A 397 -12.54 -4.74 -9.94
N SER A 398 -12.45 -4.74 -11.27
CA SER A 398 -11.28 -5.22 -12.04
C SER A 398 -11.07 -4.27 -13.20
N PHE A 399 -9.93 -3.60 -13.20
CA PHE A 399 -9.60 -2.62 -14.27
C PHE A 399 -8.08 -2.48 -14.28
N THR A 400 -7.50 -2.26 -15.47
CA THR A 400 -6.11 -1.76 -15.62
C THR A 400 -6.09 -0.32 -15.11
N PRO A 401 -5.40 -0.03 -13.98
CA PRO A 401 -5.31 1.34 -13.48
C PRO A 401 -4.66 2.22 -14.55
N LEU A 402 -4.91 3.51 -14.45
CA LEU A 402 -4.58 4.51 -15.48
C LEU A 402 -3.06 4.52 -15.66
N MET A 403 -2.30 4.58 -14.57
CA MET A 403 -0.83 4.66 -14.71
C MET A 403 -0.37 3.55 -15.66
N HIS A 404 -1.06 2.40 -15.71
CA HIS A 404 -0.59 1.19 -16.45
C HIS A 404 -1.10 1.20 -17.89
N ASN A 405 -2.08 2.04 -18.17
CA ASN A 405 -2.40 2.46 -19.56
C ASN A 405 -1.25 3.32 -20.08
N ILE A 406 -0.75 4.30 -19.31
CA ILE A 406 0.45 5.11 -19.74
C ILE A 406 1.72 4.26 -19.72
N SER A 407 1.89 3.37 -18.73
CA SER A 407 3.14 2.59 -18.59
C SER A 407 3.38 1.64 -19.76
N GLY A 408 2.30 1.17 -20.41
CA GLY A 408 2.34 0.17 -21.50
C GLY A 408 2.10 -1.24 -20.97
N SER A 409 1.95 -1.41 -19.66
CA SER A 409 1.60 -2.73 -19.07
C SER A 409 0.08 -2.82 -18.94
N LYS A 410 -0.64 -2.79 -20.07
CA LYS A 410 -2.13 -2.74 -20.08
C LYS A 410 -2.70 -4.00 -19.44
N TYR A 411 -1.94 -5.09 -19.41
CA TYR A 411 -2.32 -6.40 -18.85
C TYR A 411 -2.34 -6.39 -17.30
N LYS A 412 -1.85 -5.32 -16.66
CA LYS A 412 -1.84 -5.22 -15.16
C LYS A 412 -3.23 -4.79 -14.66
N LYS A 413 -4.20 -5.69 -14.78
CA LYS A 413 -5.55 -5.45 -14.22
C LYS A 413 -5.44 -5.52 -12.70
N PHE A 414 -5.94 -4.50 -12.00
CA PHE A 414 -6.11 -4.51 -10.54
C PHE A 414 -7.44 -5.20 -10.24
N VAL A 415 -7.44 -6.20 -9.35
CA VAL A 415 -8.66 -6.95 -8.94
C VAL A 415 -8.89 -6.65 -7.46
N ALA A 416 -10.05 -6.12 -7.09
CA ALA A 416 -10.51 -6.01 -5.69
C ALA A 416 -11.81 -6.79 -5.54
N LYS A 417 -11.82 -7.80 -4.67
CA LYS A 417 -13.04 -8.60 -4.36
C LYS A 417 -13.29 -8.57 -2.86
N ILE A 418 -14.52 -8.25 -2.52
CA ILE A 418 -15.06 -8.37 -1.13
C ILE A 418 -16.12 -9.46 -1.16
N VAL A 419 -15.96 -10.41 -0.26
CA VAL A 419 -16.88 -11.55 -0.06
C VAL A 419 -17.58 -11.33 1.27
N THR A 420 -18.92 -11.29 1.26
CA THR A 420 -19.70 -11.01 2.49
C THR A 420 -20.72 -12.12 2.77
N ASN A 421 -21.09 -12.18 4.03
CA ASN A 421 -22.34 -12.84 4.50
C ASN A 421 -23.47 -11.88 4.11
N HIS A 422 -24.24 -12.20 3.08
CA HIS A 422 -25.26 -11.23 2.58
C HIS A 422 -26.38 -11.05 3.61
N SER A 423 -26.54 -11.97 4.56
CA SER A 423 -27.57 -11.88 5.63
C SER A 423 -27.33 -10.64 6.51
N ASP A 424 -26.09 -10.28 6.83
CA ASP A 424 -25.83 -9.13 7.75
C ASP A 424 -24.77 -8.18 7.19
N GLY A 425 -24.17 -8.47 6.03
CA GLY A 425 -23.17 -7.59 5.40
C GLY A 425 -21.75 -7.81 5.92
N THR A 426 -21.54 -8.76 6.85
CA THR A 426 -20.22 -9.00 7.46
C THR A 426 -19.21 -9.38 6.36
N VAL A 427 -18.05 -8.73 6.37
CA VAL A 427 -16.98 -9.07 5.39
C VAL A 427 -16.35 -10.37 5.83
N LEU A 428 -16.36 -11.35 4.94
CA LEU A 428 -15.80 -12.68 5.19
C LEU A 428 -14.40 -12.76 4.58
N GLY A 429 -14.16 -12.05 3.50
CA GLY A 429 -12.84 -12.05 2.85
C GLY A 429 -12.67 -10.90 1.89
N VAL A 430 -11.41 -10.50 1.68
CA VAL A 430 -10.99 -9.42 0.76
C VAL A 430 -9.80 -9.96 -0.01
N HIS A 431 -9.81 -9.81 -1.33
CA HIS A 431 -8.84 -10.47 -2.23
C HIS A 431 -8.41 -9.39 -3.22
N LEU A 432 -7.11 -9.07 -3.27
CA LEU A 432 -6.57 -7.97 -4.10
C LEU A 432 -5.49 -8.54 -4.99
N LEU A 433 -5.48 -8.10 -6.23
CA LEU A 433 -4.34 -8.33 -7.14
C LEU A 433 -3.96 -6.99 -7.75
N GLY A 434 -2.70 -6.60 -7.55
CA GLY A 434 -2.14 -5.40 -8.17
C GLY A 434 -1.11 -4.76 -7.28
N ASP A 435 -0.38 -3.82 -7.87
CA ASP A 435 0.70 -3.07 -7.17
C ASP A 435 0.12 -2.57 -5.85
N GLY A 436 0.81 -2.87 -4.75
CA GLY A 436 0.45 -2.35 -3.42
C GLY A 436 -0.51 -3.23 -2.66
N ALA A 437 -1.02 -4.33 -3.28
CA ALA A 437 -2.02 -5.24 -2.65
C ALA A 437 -1.53 -5.67 -1.27
N PRO A 438 -0.26 -6.09 -1.08
CA PRO A 438 0.18 -6.55 0.25
C PRO A 438 0.13 -5.45 1.31
N GLU A 439 0.34 -4.20 0.90
CA GLU A 439 0.32 -3.04 1.82
C GLU A 439 -1.12 -2.68 2.13
N ILE A 440 -1.98 -2.69 1.11
CA ILE A 440 -3.41 -2.35 1.25
C ILE A 440 -4.06 -3.31 2.24
N ILE A 441 -3.71 -4.59 2.17
CA ILE A 441 -4.49 -5.63 2.87
C ILE A 441 -4.23 -5.62 4.37
N GLN A 442 -3.10 -5.10 4.86
CA GLN A 442 -2.80 -5.23 6.30
C GLN A 442 -3.94 -4.64 7.17
N ALA A 443 -4.35 -3.41 6.92
CA ALA A 443 -5.39 -2.75 7.75
C ALA A 443 -6.76 -3.37 7.47
N VAL A 444 -6.92 -4.04 6.33
CA VAL A 444 -8.13 -4.87 6.10
C VAL A 444 -8.16 -5.99 7.16
N GLY A 445 -7.03 -6.58 7.52
CA GLY A 445 -7.01 -7.62 8.57
C GLY A 445 -7.56 -7.07 9.87
N VAL A 446 -7.25 -5.82 10.18
CA VAL A 446 -7.78 -5.15 11.41
C VAL A 446 -9.30 -4.99 11.24
N CYS A 447 -9.75 -4.57 10.06
CA CYS A 447 -11.20 -4.41 9.76
C CYS A 447 -11.95 -5.70 10.02
N LEU A 448 -11.41 -6.82 9.58
CA LEU A 448 -12.11 -8.12 9.70
C LEU A 448 -12.16 -8.56 11.18
N ARG A 449 -11.07 -8.37 11.93
N ARG A 449 -11.07 -8.34 11.92
CA ARG A 449 -11.05 -8.59 13.39
CA ARG A 449 -11.02 -8.57 13.39
C ARG A 449 -12.19 -7.77 14.03
C ARG A 449 -12.11 -7.73 14.07
N LEU A 450 -12.45 -6.58 13.52
CA LEU A 450 -13.53 -5.69 14.06
C LEU A 450 -14.92 -6.05 13.49
N ASN A 451 -15.05 -7.14 12.73
CA ASN A 451 -16.33 -7.61 12.13
C ASN A 451 -16.88 -6.49 11.23
N ALA A 452 -16.02 -5.86 10.46
CA ALA A 452 -16.43 -4.83 9.49
C ALA A 452 -17.49 -5.42 8.55
N LYS A 453 -18.50 -4.63 8.22
CA LYS A 453 -19.51 -4.95 7.18
C LYS A 453 -19.12 -4.20 5.91
N ILE A 454 -19.65 -4.62 4.76
CA ILE A 454 -19.49 -3.91 3.47
C ILE A 454 -19.84 -2.43 3.64
N SER A 455 -20.84 -2.11 4.44
CA SER A 455 -21.29 -0.69 4.62
C SER A 455 -20.24 0.11 5.40
N ASP A 456 -19.47 -0.52 6.28
CA ASP A 456 -18.33 0.15 6.94
C ASP A 456 -17.28 0.57 5.89
N PHE A 457 -17.03 -0.26 4.89
CA PHE A 457 -16.09 0.06 3.77
C PHE A 457 -16.71 1.16 2.92
N TYR A 458 -17.96 0.98 2.47
CA TYR A 458 -18.50 1.92 1.45
C TYR A 458 -18.83 3.26 2.10
N ASN A 459 -19.07 3.33 3.42
CA ASN A 459 -19.35 4.62 4.10
C ASN A 459 -18.04 5.30 4.53
N THR A 460 -16.89 4.64 4.38
CA THR A 460 -15.59 5.30 4.64
C THR A 460 -15.22 6.14 3.42
N ILE A 461 -14.71 7.34 3.66
CA ILE A 461 -14.30 8.24 2.55
C ILE A 461 -12.98 7.74 1.96
N GLY A 462 -12.95 7.71 0.62
CA GLY A 462 -11.79 7.28 -0.16
C GLY A 462 -10.61 8.22 0.00
N VAL A 463 -9.40 7.64 -0.05
CA VAL A 463 -8.14 8.33 -0.36
C VAL A 463 -7.93 8.32 -1.88
N HIS A 464 -7.83 9.50 -2.48
CA HIS A 464 -7.82 9.61 -3.95
C HIS A 464 -6.55 10.34 -4.38
N PRO A 465 -5.84 9.91 -5.46
CA PRO A 465 -6.11 8.66 -6.15
C PRO A 465 -5.23 7.52 -5.60
N THR A 466 -5.89 6.40 -5.29
CA THR A 466 -5.23 5.15 -4.86
C THR A 466 -5.96 3.99 -5.51
N SER A 467 -5.33 2.82 -5.55
CA SER A 467 -6.04 1.54 -5.81
C SER A 467 -6.93 1.17 -4.62
N ALA A 468 -6.45 1.41 -3.39
CA ALA A 468 -7.13 1.05 -2.13
C ALA A 468 -8.55 1.62 -2.08
N GLU A 469 -8.77 2.85 -2.60
CA GLU A 469 -10.09 3.51 -2.50
C GLU A 469 -11.16 2.67 -3.19
N GLU A 470 -10.78 1.74 -4.07
CA GLU A 470 -11.77 0.87 -4.74
C GLU A 470 -12.55 0.06 -3.69
N LEU A 471 -11.88 -0.31 -2.61
CA LEU A 471 -12.51 -1.05 -1.48
C LEU A 471 -13.62 -0.25 -0.82
N CYS A 472 -13.60 1.08 -0.95
CA CYS A 472 -14.57 2.00 -0.30
C CYS A 472 -15.60 2.49 -1.35
N SER A 473 -15.62 1.88 -2.55
CA SER A 473 -16.44 2.33 -3.71
C SER A 473 -17.46 1.27 -4.14
N MET A 474 -17.55 0.14 -3.46
CA MET A 474 -18.37 -1.00 -3.92
C MET A 474 -19.60 -1.15 -3.00
N ARG A 475 -20.78 -0.85 -3.55
CA ARG A 475 -22.08 -0.77 -2.82
C ARG A 475 -23.01 -1.90 -3.24
N THR A 476 -22.80 -2.44 -4.44
CA THR A 476 -23.71 -3.39 -5.12
C THR A 476 -22.98 -4.67 -5.45
N PRO A 477 -23.45 -5.83 -4.95
CA PRO A 477 -22.91 -7.12 -5.36
C PRO A 477 -22.80 -7.31 -6.87
N SER A 478 -21.75 -7.98 -7.34
CA SER A 478 -21.59 -8.40 -8.75
C SER A 478 -22.37 -9.68 -8.95
N TYR A 479 -22.42 -10.51 -7.90
CA TYR A 479 -23.18 -11.77 -7.92
C TYR A 479 -23.17 -12.36 -6.51
N TYR A 480 -23.85 -13.50 -6.35
CA TYR A 480 -24.15 -14.15 -5.05
C TYR A 480 -23.90 -15.65 -5.18
N TYR A 481 -23.80 -16.30 -4.02
CA TYR A 481 -24.01 -17.75 -3.85
C TYR A 481 -25.20 -17.89 -2.91
N VAL A 482 -26.24 -18.63 -3.33
CA VAL A 482 -27.43 -18.94 -2.50
C VAL A 482 -27.43 -20.46 -2.29
N LYS A 483 -27.32 -20.89 -1.05
CA LYS A 483 -27.14 -22.32 -0.66
C LYS A 483 -26.15 -22.99 -1.61
N GLY A 484 -24.98 -22.38 -1.84
CA GLY A 484 -23.86 -22.97 -2.61
C GLY A 484 -23.90 -22.62 -4.09
N GLU A 485 -25.02 -22.05 -4.57
CA GLU A 485 -25.31 -21.89 -6.01
C GLU A 485 -24.98 -20.47 -6.47
N LYS A 486 -24.14 -20.33 -7.50
CA LYS A 486 -23.80 -19.00 -8.06
C LYS A 486 -24.97 -18.49 -8.91
N MET A 487 -25.29 -17.20 -8.81
CA MET A 487 -26.35 -16.52 -9.59
C MET A 487 -26.11 -15.01 -9.54
N GLU A 488 -26.43 -14.31 -10.63
CA GLU A 488 -26.31 -12.84 -10.78
C GLU A 488 -27.19 -12.14 -9.76
N LYS A 489 -28.38 -12.68 -9.52
CA LYS A 489 -29.42 -11.98 -8.72
C LYS A 489 -29.96 -12.95 -7.65
N LEU A 490 -30.38 -12.39 -6.52
CA LEU A 490 -31.11 -13.14 -5.47
C LEU A 490 -32.49 -13.47 -6.00
N PRO A 491 -33.10 -14.61 -5.58
CA PRO A 491 -34.55 -14.81 -5.64
C PRO A 491 -35.37 -13.73 -4.92
N LYS B 6 -35.45 26.94 -19.59
CA LYS B 6 -35.86 25.52 -19.34
C LYS B 6 -35.95 25.28 -17.84
N ALA B 7 -36.79 24.33 -17.39
CA ALA B 7 -37.11 24.08 -15.97
C ALA B 7 -36.49 22.75 -15.50
N PHE B 8 -35.86 22.75 -14.32
CA PHE B 8 -35.11 21.59 -13.75
C PHE B 8 -35.47 21.43 -12.28
N ASP B 9 -35.47 20.19 -11.82
CA ASP B 9 -35.60 19.86 -10.37
C ASP B 9 -34.36 20.40 -9.65
N LEU B 10 -33.18 20.21 -10.27
CA LEU B 10 -31.86 20.60 -9.70
C LEU B 10 -31.03 21.25 -10.78
N VAL B 11 -30.40 22.36 -10.45
CA VAL B 11 -29.36 22.96 -11.32
C VAL B 11 -28.07 23.00 -10.51
N VAL B 12 -27.03 22.41 -11.09
CA VAL B 12 -25.70 22.30 -10.44
C VAL B 12 -24.77 23.25 -11.15
N ILE B 13 -24.18 24.18 -10.40
CA ILE B 13 -23.17 25.10 -10.98
C ILE B 13 -21.81 24.53 -10.61
N GLY B 14 -21.11 24.00 -11.61
CA GLY B 14 -19.79 23.37 -11.50
C GLY B 14 -19.91 21.87 -11.72
N ALA B 15 -19.34 21.39 -12.80
CA ALA B 15 -19.35 19.97 -13.24
C ALA B 15 -18.08 19.30 -12.69
N GLY B 16 -17.88 19.40 -11.37
CA GLY B 16 -16.71 18.84 -10.70
C GLY B 16 -17.01 17.65 -9.82
N SER B 17 -16.05 17.34 -8.95
CA SER B 17 -16.11 16.11 -8.13
C SER B 17 -17.49 16.06 -7.46
N GLY B 18 -17.86 17.11 -6.74
CA GLY B 18 -19.09 17.18 -5.93
C GLY B 18 -20.31 17.37 -6.80
N GLY B 19 -20.24 18.30 -7.74
CA GLY B 19 -21.36 18.61 -8.65
C GLY B 19 -21.79 17.40 -9.48
N LEU B 20 -20.84 16.63 -10.01
CA LEU B 20 -21.20 15.44 -10.83
C LEU B 20 -21.76 14.33 -9.94
N GLU B 21 -21.21 14.10 -8.76
CA GLU B 21 -21.79 13.08 -7.83
C GLU B 21 -23.26 13.47 -7.56
N ALA B 22 -23.50 14.72 -7.17
CA ALA B 22 -24.85 15.23 -6.83
C ALA B 22 -25.78 15.10 -8.05
N GLY B 23 -25.37 15.63 -9.21
CA GLY B 23 -26.19 15.63 -10.43
C GLY B 23 -26.55 14.22 -10.89
N TRP B 24 -25.56 13.33 -10.90
CA TRP B 24 -25.74 11.95 -11.39
C TRP B 24 -26.68 11.23 -10.41
N ASN B 25 -26.42 11.36 -9.11
CA ASN B 25 -27.25 10.67 -8.09
C ASN B 25 -28.69 11.18 -8.24
N ALA B 26 -28.86 12.49 -8.33
CA ALA B 26 -30.22 13.09 -8.33
C ALA B 26 -30.95 12.57 -9.57
N ALA B 27 -30.28 12.53 -10.73
CA ALA B 27 -30.89 12.09 -12.01
C ALA B 27 -31.16 10.58 -12.00
N THR B 28 -30.21 9.77 -11.54
CA THR B 28 -30.22 8.31 -11.78
C THR B 28 -30.84 7.60 -10.58
N LEU B 29 -30.55 8.04 -9.35
CA LEU B 29 -31.08 7.36 -8.15
C LEU B 29 -32.47 7.91 -7.85
N TYR B 30 -32.72 9.19 -8.08
CA TYR B 30 -33.99 9.80 -7.59
C TYR B 30 -34.82 10.31 -8.77
N GLY B 31 -34.39 10.07 -10.02
CA GLY B 31 -35.18 10.32 -11.22
C GLY B 31 -35.55 11.79 -11.37
N LYS B 32 -34.72 12.72 -10.87
CA LYS B 32 -34.92 14.18 -11.00
C LYS B 32 -34.41 14.63 -12.38
N ARG B 33 -34.96 15.72 -12.91
CA ARG B 33 -34.46 16.36 -14.14
C ARG B 33 -33.36 17.33 -13.69
N VAL B 34 -32.14 17.14 -14.19
CA VAL B 34 -30.93 17.80 -13.64
C VAL B 34 -30.21 18.56 -14.75
N ALA B 35 -29.83 19.82 -14.46
CA ALA B 35 -28.91 20.62 -15.30
C ALA B 35 -27.59 20.81 -14.54
N VAL B 36 -26.48 20.69 -15.24
CA VAL B 36 -25.11 20.94 -14.70
C VAL B 36 -24.41 21.91 -15.64
N VAL B 37 -23.73 22.90 -15.07
CA VAL B 37 -23.07 23.99 -15.83
C VAL B 37 -21.58 23.99 -15.52
N ASP B 38 -20.77 24.10 -16.56
CA ASP B 38 -19.31 24.31 -16.43
C ASP B 38 -18.83 25.14 -17.61
N VAL B 39 -17.65 25.71 -17.43
CA VAL B 39 -17.13 26.82 -18.27
C VAL B 39 -16.37 26.25 -19.47
N GLN B 40 -16.03 24.96 -19.42
CA GLN B 40 -15.15 24.31 -20.43
C GLN B 40 -15.50 22.81 -20.52
N THR B 41 -15.36 22.21 -21.71
CA THR B 41 -15.72 20.79 -21.94
C THR B 41 -14.46 19.95 -21.82
N SER B 42 -13.28 20.55 -21.91
CA SER B 42 -12.02 19.80 -21.71
C SER B 42 -10.97 20.69 -21.07
N HIS B 43 -9.92 20.02 -20.57
CA HIS B 43 -8.88 20.58 -19.68
C HIS B 43 -8.12 21.73 -20.33
N GLY B 44 -7.67 22.65 -19.48
CA GLY B 44 -6.52 23.51 -19.80
C GLY B 44 -6.94 24.95 -20.05
N PRO B 45 -5.98 25.78 -20.48
CA PRO B 45 -6.21 27.20 -20.67
C PRO B 45 -7.36 27.43 -21.65
N PRO B 46 -8.15 28.51 -21.48
CA PRO B 46 -7.89 29.53 -20.46
C PRO B 46 -8.40 29.29 -19.03
N PHE B 47 -9.40 28.43 -18.80
CA PHE B 47 -10.09 28.34 -17.48
C PHE B 47 -9.59 27.14 -16.64
N TYR B 48 -8.77 26.25 -17.22
CA TYR B 48 -8.01 25.15 -16.55
C TYR B 48 -8.94 24.03 -16.08
N ALA B 49 -9.74 24.23 -15.03
CA ALA B 49 -10.81 23.29 -14.65
C ALA B 49 -11.88 23.30 -15.75
N ALA B 50 -12.65 22.23 -15.80
CA ALA B 50 -13.59 21.95 -16.90
C ALA B 50 -14.46 20.82 -16.44
N LEU B 51 -15.34 20.39 -17.32
CA LEU B 51 -16.10 19.15 -17.17
C LEU B 51 -15.20 18.13 -16.50
N GLY B 52 -15.60 17.63 -15.32
CA GLY B 52 -14.85 16.67 -14.51
C GLY B 52 -14.35 17.31 -13.23
N GLY B 53 -14.14 18.62 -13.25
CA GLY B 53 -13.67 19.39 -12.09
C GLY B 53 -12.18 19.56 -12.02
N THR B 54 -11.71 20.08 -10.89
CA THR B 54 -10.32 20.51 -10.67
C THR B 54 -9.46 19.26 -10.57
N CYS B 55 -9.96 18.25 -9.87
CA CYS B 55 -9.22 17.00 -9.60
C CYS B 55 -8.87 16.34 -10.94
N VAL B 56 -9.88 16.18 -11.79
CA VAL B 56 -9.71 15.52 -13.11
C VAL B 56 -8.73 16.32 -13.96
N ASN B 57 -8.94 17.62 -14.02
CA ASN B 57 -8.34 18.44 -15.08
C ASN B 57 -6.99 18.99 -14.63
N VAL B 58 -6.92 19.56 -13.42
CA VAL B 58 -5.69 20.26 -12.95
C VAL B 58 -5.51 19.96 -11.45
N GLY B 59 -5.64 18.69 -11.06
CA GLY B 59 -5.48 18.30 -9.66
C GLY B 59 -5.06 16.86 -9.52
N CYS B 60 -5.80 16.09 -8.70
CA CYS B 60 -5.37 14.76 -8.20
C CYS B 60 -4.91 13.89 -9.38
N VAL B 61 -5.71 13.81 -10.43
CA VAL B 61 -5.50 12.83 -11.52
C VAL B 61 -4.18 13.14 -12.22
N PRO B 62 -4.01 14.32 -12.86
CA PRO B 62 -2.76 14.60 -13.57
C PRO B 62 -1.56 14.65 -12.61
N LYS B 63 -1.76 15.16 -11.39
CA LYS B 63 -0.59 15.31 -10.50
C LYS B 63 -0.09 13.90 -10.12
N LYS B 64 -0.98 12.94 -9.89
CA LYS B 64 -0.57 11.56 -9.49
C LYS B 64 0.22 10.94 -10.65
N LEU B 65 -0.26 11.10 -11.88
CA LEU B 65 0.48 10.63 -13.08
C LEU B 65 1.87 11.28 -13.11
N MET B 66 1.98 12.57 -12.87
CA MET B 66 3.27 13.27 -12.94
C MET B 66 4.16 12.85 -11.77
N VAL B 67 3.60 12.62 -10.59
CA VAL B 67 4.43 12.15 -9.45
C VAL B 67 4.91 10.74 -9.79
N THR B 68 4.02 9.93 -10.35
CA THR B 68 4.44 8.57 -10.74
C THR B 68 5.64 8.68 -11.69
N GLY B 69 5.55 9.57 -12.67
CA GLY B 69 6.68 9.85 -13.58
C GLY B 69 7.92 10.24 -12.81
N ALA B 70 7.83 11.19 -11.87
CA ALA B 70 8.96 11.66 -11.05
C ALA B 70 9.58 10.51 -10.25
N GLN B 71 8.78 9.54 -9.83
CA GLN B 71 9.28 8.41 -9.00
C GLN B 71 10.34 7.60 -9.79
N TYR B 72 10.29 7.56 -11.12
CA TYR B 72 11.29 6.78 -11.90
C TYR B 72 12.71 7.33 -11.72
N MET B 73 12.87 8.61 -11.37
CA MET B 73 14.23 9.08 -11.08
C MET B 73 14.83 8.24 -9.94
N ASP B 74 14.03 8.01 -8.90
CA ASP B 74 14.46 7.18 -7.75
C ASP B 74 14.60 5.71 -8.20
N HIS B 75 13.65 5.16 -8.95
CA HIS B 75 13.68 3.73 -9.34
C HIS B 75 14.96 3.49 -10.15
N LEU B 76 15.22 4.34 -11.14
CA LEU B 76 16.40 4.18 -12.04
C LEU B 76 17.65 4.16 -11.18
N ARG B 77 17.79 5.09 -10.24
CA ARG B 77 19.00 5.14 -9.37
C ARG B 77 19.02 3.91 -8.44
N GLU B 78 17.88 3.61 -7.84
CA GLU B 78 17.75 2.54 -6.82
C GLU B 78 17.98 1.16 -7.44
N SER B 79 17.68 0.97 -8.73
CA SER B 79 17.81 -0.33 -9.44
C SER B 79 19.25 -0.84 -9.31
N ALA B 80 20.23 0.05 -9.25
CA ALA B 80 21.64 -0.34 -9.22
C ALA B 80 21.92 -1.22 -8.00
N GLY B 81 21.35 -0.91 -6.83
CA GLY B 81 21.62 -1.69 -5.60
C GLY B 81 21.22 -3.14 -5.77
N PHE B 82 20.26 -3.40 -6.67
CA PHE B 82 19.69 -4.74 -6.95
C PHE B 82 20.36 -5.34 -8.20
N GLY B 83 21.48 -4.74 -8.62
CA GLY B 83 22.34 -5.23 -9.71
C GLY B 83 21.98 -4.73 -11.08
N TRP B 84 21.04 -3.79 -11.19
CA TRP B 84 20.66 -3.32 -12.53
C TRP B 84 21.77 -2.39 -13.03
N GLU B 85 22.07 -2.52 -14.32
CA GLU B 85 23.18 -1.83 -15.01
C GLU B 85 22.62 -1.26 -16.29
N PHE B 86 22.96 -0.02 -16.58
CA PHE B 86 22.66 0.58 -17.88
C PHE B 86 23.46 1.87 -17.96
N ASP B 87 23.47 2.48 -19.13
CA ASP B 87 24.29 3.68 -19.41
C ASP B 87 23.60 4.89 -18.77
N GLY B 88 24.07 5.30 -17.60
CA GLY B 88 23.52 6.45 -16.84
C GLY B 88 23.53 7.73 -17.65
N SER B 89 24.51 7.91 -18.50
CA SER B 89 24.69 9.16 -19.29
C SER B 89 23.67 9.18 -20.44
N SER B 90 22.95 8.08 -20.72
CA SER B 90 21.91 8.10 -21.77
C SER B 90 20.58 8.54 -21.17
N VAL B 91 20.52 8.77 -19.85
CA VAL B 91 19.21 8.95 -19.17
C VAL B 91 18.72 10.39 -19.37
N LYS B 92 17.52 10.53 -19.92
CA LYS B 92 16.82 11.84 -20.07
C LYS B 92 15.41 11.68 -19.52
N ALA B 93 14.94 12.67 -18.78
CA ALA B 93 13.53 12.82 -18.35
C ALA B 93 12.82 13.71 -19.37
N ASN B 94 12.09 13.09 -20.30
CA ASN B 94 11.39 13.83 -21.37
C ASN B 94 10.04 14.30 -20.84
N TRP B 95 10.05 15.51 -20.31
CA TRP B 95 8.88 16.24 -19.79
C TRP B 95 7.80 16.38 -20.88
N LYS B 96 8.18 16.53 -22.14
CA LYS B 96 7.17 16.76 -23.21
C LYS B 96 6.30 15.49 -23.30
N LYS B 97 6.95 14.32 -23.26
CA LYS B 97 6.23 13.02 -23.32
C LYS B 97 5.32 12.87 -22.10
N LEU B 98 5.79 13.21 -20.90
CA LEU B 98 4.96 13.17 -19.68
C LEU B 98 3.70 14.03 -19.89
N ILE B 99 3.88 15.28 -20.31
CA ILE B 99 2.76 16.23 -20.44
C ILE B 99 1.77 15.71 -21.49
N ALA B 100 2.29 15.15 -22.60
CA ALA B 100 1.41 14.66 -23.68
C ALA B 100 0.61 13.45 -23.17
N ALA B 101 1.25 12.54 -22.43
CA ALA B 101 0.60 11.36 -21.82
C ALA B 101 -0.50 11.83 -20.86
N LYS B 102 -0.18 12.80 -20.01
CA LYS B 102 -1.11 13.35 -19.02
C LYS B 102 -2.31 13.99 -19.73
N ASN B 103 -2.04 14.81 -20.73
CA ASN B 103 -3.07 15.53 -21.53
C ASN B 103 -4.05 14.52 -22.17
N GLU B 104 -3.55 13.42 -22.72
CA GLU B 104 -4.41 12.37 -23.32
C GLU B 104 -5.28 11.72 -22.25
N ALA B 105 -4.70 11.36 -21.12
CA ALA B 105 -5.43 10.73 -20.01
C ALA B 105 -6.55 11.67 -19.54
N VAL B 106 -6.23 12.95 -19.36
CA VAL B 106 -7.24 13.95 -18.90
C VAL B 106 -8.31 14.12 -19.98
N LEU B 107 -7.91 14.30 -21.23
CA LEU B 107 -8.91 14.49 -22.31
C LEU B 107 -9.82 13.26 -22.39
N ASP B 108 -9.29 12.05 -22.25
CA ASP B 108 -10.13 10.83 -22.31
C ASP B 108 -11.22 10.92 -21.24
N ILE B 109 -10.89 11.39 -20.03
CA ILE B 109 -11.88 11.57 -18.95
C ILE B 109 -12.89 12.64 -19.37
N ASN B 110 -12.40 13.80 -19.82
CA ASN B 110 -13.27 14.87 -20.38
C ASN B 110 -14.29 14.23 -21.33
N LYS B 111 -13.80 13.48 -22.32
CA LYS B 111 -14.65 12.84 -23.36
C LYS B 111 -15.64 11.87 -22.71
N SER B 112 -15.22 11.08 -21.73
CA SER B 112 -16.12 10.09 -21.12
C SER B 112 -17.28 10.85 -20.42
N TYR B 113 -16.98 11.92 -19.67
CA TYR B 113 -18.01 12.76 -19.01
C TYR B 113 -18.96 13.34 -20.04
N GLU B 114 -18.44 13.80 -21.17
CA GLU B 114 -19.26 14.26 -22.32
C GLU B 114 -20.23 13.14 -22.75
N GLY B 115 -19.73 11.92 -22.87
CA GLY B 115 -20.52 10.75 -23.27
C GLY B 115 -21.58 10.44 -22.24
N MET B 116 -21.23 10.56 -20.94
CA MET B 116 -22.13 10.35 -19.78
C MET B 116 -23.36 11.29 -19.89
N PHE B 117 -23.14 12.57 -20.17
CA PHE B 117 -24.24 13.58 -20.35
C PHE B 117 -25.05 13.25 -21.62
N ASN B 118 -24.38 12.82 -22.69
CA ASN B 118 -25.05 12.46 -23.97
C ASN B 118 -25.99 11.28 -23.76
N ASP B 119 -25.58 10.31 -22.93
CA ASP B 119 -26.19 8.96 -22.79
C ASP B 119 -27.13 8.87 -21.58
N THR B 120 -27.11 9.85 -20.66
CA THR B 120 -27.92 9.87 -19.40
C THR B 120 -29.10 10.83 -19.60
N GLU B 121 -30.30 10.26 -19.76
CA GLU B 121 -31.55 11.05 -19.94
C GLU B 121 -31.81 11.78 -18.62
N GLY B 122 -32.30 13.02 -18.69
CA GLY B 122 -32.68 13.81 -17.50
C GLY B 122 -31.45 14.37 -16.79
N LEU B 123 -30.28 14.31 -17.44
CA LEU B 123 -29.02 14.93 -16.97
C LEU B 123 -28.43 15.71 -18.13
N ASP B 124 -28.49 17.03 -18.05
CA ASP B 124 -28.17 17.93 -19.19
C ASP B 124 -26.98 18.79 -18.79
N PHE B 125 -26.05 18.97 -19.72
CA PHE B 125 -24.87 19.83 -19.57
C PHE B 125 -25.10 21.13 -20.32
N PHE B 126 -24.75 22.27 -19.70
CA PHE B 126 -24.75 23.60 -20.36
C PHE B 126 -23.36 24.20 -20.20
N LEU B 127 -22.80 24.63 -21.31
CA LEU B 127 -21.49 25.30 -21.39
C LEU B 127 -21.65 26.80 -21.13
N GLY B 128 -20.85 27.31 -20.22
CA GLY B 128 -20.75 28.76 -19.96
C GLY B 128 -20.63 29.04 -18.47
N TRP B 129 -20.81 30.31 -18.11
CA TRP B 129 -20.65 30.83 -16.73
C TRP B 129 -21.99 30.94 -16.02
N GLY B 130 -22.19 30.12 -14.99
CA GLY B 130 -23.40 30.05 -14.17
C GLY B 130 -23.34 31.10 -13.08
N SER B 131 -24.46 31.79 -12.86
CA SER B 131 -24.66 32.72 -11.72
C SER B 131 -26.14 32.69 -11.33
N LEU B 132 -26.46 33.25 -10.17
CA LEU B 132 -27.83 33.31 -9.65
C LEU B 132 -28.46 34.62 -10.11
N GLU B 133 -29.52 34.51 -10.92
CA GLU B 133 -30.37 35.65 -11.31
C GLU B 133 -31.34 35.90 -10.15
N SER B 134 -32.01 34.83 -9.71
CA SER B 134 -32.99 34.79 -8.59
C SER B 134 -32.89 33.42 -7.92
N LYS B 135 -33.66 33.19 -6.84
CA LYS B 135 -33.47 32.01 -5.96
C LYS B 135 -33.92 30.73 -6.67
N ASN B 136 -34.63 30.87 -7.80
CA ASN B 136 -35.10 29.71 -8.61
C ASN B 136 -34.67 29.90 -10.06
N VAL B 137 -33.69 30.76 -10.33
CA VAL B 137 -33.21 30.95 -11.74
C VAL B 137 -31.69 31.03 -11.77
N VAL B 138 -31.06 30.06 -12.45
CA VAL B 138 -29.63 30.15 -12.81
C VAL B 138 -29.51 30.72 -14.22
N VAL B 139 -28.66 31.73 -14.37
CA VAL B 139 -28.34 32.32 -15.70
C VAL B 139 -26.96 31.81 -16.12
N VAL B 140 -26.88 31.27 -17.33
CA VAL B 140 -25.60 30.83 -17.97
C VAL B 140 -25.24 31.89 -19.01
N ARG B 141 -24.05 32.48 -18.86
CA ARG B 141 -23.54 33.58 -19.70
C ARG B 141 -22.24 33.19 -20.41
N GLU B 142 -21.88 34.00 -21.40
CA GLU B 142 -20.73 33.77 -22.31
C GLU B 142 -19.45 33.75 -21.50
N THR B 143 -19.31 34.66 -20.54
CA THR B 143 -18.06 34.90 -19.79
C THR B 143 -18.41 35.11 -18.32
N ALA B 144 -17.37 35.28 -17.50
CA ALA B 144 -17.44 35.52 -16.04
C ALA B 144 -18.03 36.91 -15.77
N ASP B 145 -17.83 37.85 -16.71
CA ASP B 145 -18.47 39.20 -16.68
C ASP B 145 -20.00 39.07 -16.72
N PRO B 146 -20.74 39.59 -15.71
CA PRO B 146 -22.20 39.42 -15.67
C PRO B 146 -22.99 40.22 -16.73
N LYS B 147 -22.30 41.09 -17.48
CA LYS B 147 -22.85 41.84 -18.64
C LYS B 147 -22.70 41.03 -19.94
N SER B 148 -21.87 39.98 -19.96
CA SER B 148 -21.68 39.09 -21.15
C SER B 148 -23.04 38.49 -21.56
N ALA B 149 -23.14 37.98 -22.79
CA ALA B 149 -24.40 37.49 -23.40
C ALA B 149 -24.96 36.27 -22.66
N VAL B 150 -26.29 36.21 -22.54
CA VAL B 150 -27.06 35.12 -21.88
C VAL B 150 -27.24 33.96 -22.86
N LYS B 151 -26.74 32.77 -22.49
CA LYS B 151 -26.85 31.55 -23.34
C LYS B 151 -28.08 30.79 -22.90
N GLU B 152 -28.34 30.72 -21.60
CA GLU B 152 -29.48 29.97 -21.06
C GLU B 152 -29.98 30.70 -19.82
N ARG B 153 -31.27 30.53 -19.51
CA ARG B 153 -31.85 30.82 -18.18
C ARG B 153 -32.58 29.56 -17.73
N LEU B 154 -32.13 29.01 -16.60
CA LEU B 154 -32.55 27.68 -16.09
C LEU B 154 -33.38 27.88 -14.83
N GLN B 155 -34.68 27.54 -14.92
CA GLN B 155 -35.61 27.52 -13.78
C GLN B 155 -35.23 26.29 -12.94
N ALA B 156 -35.06 26.47 -11.64
CA ALA B 156 -34.52 25.47 -10.70
C ALA B 156 -35.38 25.45 -9.44
N ASP B 157 -36.05 24.33 -9.17
CA ASP B 157 -36.61 24.07 -7.81
C ASP B 157 -35.44 24.21 -6.83
N HIS B 158 -34.34 23.53 -7.12
CA HIS B 158 -33.17 23.41 -6.20
C HIS B 158 -31.90 23.80 -6.96
N ILE B 159 -30.98 24.50 -6.30
CA ILE B 159 -29.70 25.00 -6.87
C ILE B 159 -28.54 24.56 -5.97
N LEU B 160 -27.56 23.87 -6.56
CA LEU B 160 -26.34 23.41 -5.88
C LEU B 160 -25.16 24.24 -6.39
N LEU B 161 -24.50 24.91 -5.48
CA LEU B 161 -23.25 25.66 -5.76
C LEU B 161 -22.08 24.71 -5.55
N ALA B 162 -21.33 24.41 -6.61
CA ALA B 162 -20.24 23.40 -6.56
C ALA B 162 -19.12 23.86 -7.51
N THR B 163 -18.73 25.14 -7.37
CA THR B 163 -17.76 25.82 -8.27
C THR B 163 -16.31 25.66 -7.81
N GLY B 164 -16.08 25.00 -6.67
CA GLY B 164 -14.73 24.67 -6.22
C GLY B 164 -13.97 25.91 -5.77
N SER B 165 -12.65 25.79 -5.83
CA SER B 165 -11.69 26.79 -5.34
C SER B 165 -10.75 27.15 -6.48
N TRP B 166 -9.84 28.09 -6.21
CA TRP B 166 -8.97 28.75 -7.19
C TRP B 166 -7.68 29.13 -6.49
N PRO B 167 -6.50 29.10 -7.16
CA PRO B 167 -5.24 29.36 -6.48
C PRO B 167 -5.28 30.81 -5.99
N GLN B 168 -4.78 31.02 -4.79
CA GLN B 168 -4.56 32.35 -4.17
C GLN B 168 -3.22 32.89 -4.67
N MET B 169 -3.19 34.13 -5.16
CA MET B 169 -1.93 34.74 -5.63
C MET B 169 -1.68 35.97 -4.75
N PRO B 170 -0.53 36.05 -4.06
CA PRO B 170 -0.27 37.21 -3.20
C PRO B 170 -0.13 38.44 -4.10
N ALA B 171 -0.95 39.48 -3.86
CA ALA B 171 -0.84 40.81 -4.53
C ALA B 171 0.50 41.43 -4.15
N ILE B 172 1.58 40.97 -4.77
CA ILE B 172 2.97 41.50 -4.65
C ILE B 172 3.39 42.07 -6.00
N PRO B 173 4.48 42.89 -6.04
CA PRO B 173 5.03 43.35 -7.30
C PRO B 173 5.58 42.15 -8.09
N GLY B 174 5.12 42.01 -9.34
CA GLY B 174 5.60 40.97 -10.27
C GLY B 174 4.76 39.70 -10.18
N ILE B 175 3.63 39.73 -9.47
CA ILE B 175 2.71 38.57 -9.39
C ILE B 175 2.45 38.02 -10.80
N GLU B 176 2.29 38.90 -11.80
CA GLU B 176 2.01 38.52 -13.22
C GLU B 176 3.14 37.66 -13.83
N HIS B 177 4.35 37.64 -13.24
CA HIS B 177 5.53 36.86 -13.73
C HIS B 177 5.60 35.48 -13.06
N CYS B 178 4.62 35.20 -12.20
CA CYS B 178 4.48 33.94 -11.44
C CYS B 178 3.31 33.15 -12.02
N ILE B 179 3.29 31.87 -11.71
CA ILE B 179 2.21 30.93 -12.12
C ILE B 179 1.65 30.25 -10.87
N SER B 180 0.57 29.52 -11.05
CA SER B 180 0.01 28.62 -10.02
C SER B 180 0.15 27.17 -10.50
N SER B 181 -0.45 26.24 -9.76
CA SER B 181 -0.45 24.82 -10.20
C SER B 181 -1.12 24.73 -11.59
N ASN B 182 -2.09 25.61 -11.86
CA ASN B 182 -2.89 25.58 -13.10
C ASN B 182 -1.93 25.54 -14.31
N GLU B 183 -1.01 26.52 -14.37
CA GLU B 183 -0.07 26.70 -15.51
C GLU B 183 1.03 25.63 -15.44
N ALA B 184 1.41 25.21 -14.23
CA ALA B 184 2.48 24.20 -14.03
C ALA B 184 2.17 22.91 -14.82
N PHE B 185 0.89 22.57 -14.96
CA PHE B 185 0.42 21.38 -15.70
C PHE B 185 0.60 21.57 -17.21
N TYR B 186 0.90 22.78 -17.68
CA TYR B 186 1.00 23.08 -19.13
C TYR B 186 2.33 23.70 -19.53
N LEU B 187 3.31 23.76 -18.63
CA LEU B 187 4.69 24.20 -18.97
C LEU B 187 5.15 23.34 -20.13
N PRO B 188 5.53 23.95 -21.28
CA PRO B 188 5.89 23.17 -22.46
C PRO B 188 7.24 22.47 -22.28
N GLU B 189 8.10 23.07 -21.46
CA GLU B 189 9.46 22.61 -21.12
C GLU B 189 9.64 22.55 -19.61
N PRO B 190 10.43 21.59 -19.09
CA PRO B 190 10.64 21.46 -17.66
C PRO B 190 11.60 22.55 -17.21
N PRO B 191 11.27 23.35 -16.16
CA PRO B 191 12.17 24.39 -15.71
C PRO B 191 13.48 23.84 -15.14
N ARG B 192 14.60 24.49 -15.47
CA ARG B 192 15.95 24.15 -14.95
C ARG B 192 16.00 24.54 -13.46
N ARG B 193 15.49 25.71 -13.16
CA ARG B 193 15.45 26.31 -11.81
C ARG B 193 14.00 26.66 -11.56
N VAL B 194 13.44 26.16 -10.46
CA VAL B 194 12.05 26.51 -10.08
C VAL B 194 12.01 26.77 -8.57
N LEU B 195 11.26 27.80 -8.21
CA LEU B 195 10.85 28.11 -6.82
C LEU B 195 9.40 27.68 -6.66
N THR B 196 9.14 26.71 -5.78
CA THR B 196 7.74 26.44 -5.33
C THR B 196 7.55 27.27 -4.06
N VAL B 197 6.49 28.06 -4.04
CA VAL B 197 6.14 28.97 -2.90
C VAL B 197 4.96 28.37 -2.15
N GLY B 198 5.24 27.92 -0.92
CA GLY B 198 4.25 27.33 -0.01
C GLY B 198 4.78 26.05 0.58
N GLY B 199 4.31 25.72 1.78
CA GLY B 199 4.70 24.51 2.52
C GLY B 199 3.63 23.43 2.46
N GLY B 200 2.57 23.65 1.68
CA GLY B 200 1.41 22.73 1.55
C GLY B 200 1.67 21.57 0.59
N PHE B 201 0.68 20.69 0.44
CA PHE B 201 0.85 19.47 -0.39
C PHE B 201 1.14 19.85 -1.84
N ILE B 202 0.54 20.91 -2.37
CA ILE B 202 0.69 21.19 -3.83
C ILE B 202 2.13 21.62 -4.07
N SER B 203 2.67 22.51 -3.23
CA SER B 203 4.09 22.94 -3.31
C SER B 203 5.04 21.74 -3.20
N VAL B 204 4.85 20.91 -2.19
CA VAL B 204 5.76 19.77 -1.93
C VAL B 204 5.66 18.77 -3.10
N GLU B 205 4.45 18.51 -3.58
CA GLU B 205 4.25 17.48 -4.63
C GLU B 205 4.91 17.99 -5.91
N PHE B 206 4.64 19.24 -6.29
CA PHE B 206 5.28 19.85 -7.48
C PHE B 206 6.79 19.99 -7.29
N ALA B 207 7.31 20.27 -6.10
CA ALA B 207 8.77 20.33 -5.90
C ALA B 207 9.33 18.97 -6.34
N GLY B 208 8.66 17.88 -5.96
CA GLY B 208 9.11 16.52 -6.31
C GLY B 208 9.08 16.29 -7.81
N ILE B 209 8.00 16.74 -8.46
CA ILE B 209 7.78 16.52 -9.92
C ILE B 209 8.91 17.22 -10.68
N PHE B 210 9.08 18.50 -10.40
CA PHE B 210 10.10 19.38 -11.02
C PHE B 210 11.50 18.85 -10.74
N ASN B 211 11.73 18.30 -9.55
CA ASN B 211 13.06 17.78 -9.16
C ASN B 211 13.43 16.64 -10.10
N ALA B 212 12.46 15.80 -10.48
CA ALA B 212 12.75 14.58 -11.27
C ALA B 212 13.02 14.97 -12.73
N TYR B 213 12.30 15.95 -13.26
CA TYR B 213 12.27 16.25 -14.71
C TYR B 213 13.18 17.43 -15.04
N LYS B 214 13.82 18.04 -14.03
CA LYS B 214 14.68 19.21 -14.29
C LYS B 214 15.79 18.80 -15.25
N PRO B 215 16.12 19.65 -16.24
CA PRO B 215 17.26 19.41 -17.12
C PRO B 215 18.57 19.38 -16.35
N PRO B 216 19.66 18.90 -16.98
CA PRO B 216 20.96 18.81 -16.29
C PRO B 216 21.37 20.16 -15.67
N GLY B 217 22.05 20.08 -14.52
CA GLY B 217 22.44 21.24 -13.69
C GLY B 217 21.24 22.07 -13.25
N GLY B 218 20.07 21.44 -13.08
CA GLY B 218 18.87 22.15 -12.63
C GLY B 218 18.82 22.15 -11.11
N LYS B 219 17.92 22.93 -10.54
CA LYS B 219 17.78 23.04 -9.07
C LYS B 219 16.32 23.41 -8.74
N VAL B 220 15.72 22.68 -7.80
CA VAL B 220 14.36 22.97 -7.27
C VAL B 220 14.53 23.54 -5.86
N THR B 221 13.90 24.69 -5.63
CA THR B 221 13.86 25.39 -4.33
C THR B 221 12.39 25.54 -3.91
N LEU B 222 12.11 25.11 -2.68
CA LEU B 222 10.80 25.30 -2.01
C LEU B 222 10.98 26.32 -0.90
N CYS B 223 10.15 27.34 -0.87
CA CYS B 223 10.16 28.41 0.15
C CYS B 223 8.85 28.37 0.94
N TYR B 224 8.99 28.58 2.26
CA TYR B 224 7.87 28.56 3.22
C TYR B 224 8.12 29.57 4.32
N ARG B 225 7.12 30.38 4.64
CA ARG B 225 7.18 31.44 5.69
C ARG B 225 7.45 30.83 7.06
N ASN B 226 6.77 29.73 7.40
CA ASN B 226 6.87 29.15 8.77
C ASN B 226 8.13 28.30 8.83
N ASN B 227 8.39 27.75 10.01
CA ASN B 227 9.67 27.06 10.32
C ASN B 227 9.72 25.65 9.71
N LEU B 228 8.59 25.01 9.41
CA LEU B 228 8.58 23.56 9.07
C LEU B 228 7.39 23.30 8.14
N ILE B 229 7.65 22.76 6.96
CA ILE B 229 6.61 22.54 5.89
C ILE B 229 5.49 21.64 6.44
N LEU B 230 4.37 21.66 5.73
CA LEU B 230 3.22 20.73 5.89
C LEU B 230 2.62 20.86 7.28
N ARG B 231 2.30 22.08 7.71
N ARG B 231 2.28 22.09 7.68
CA ARG B 231 1.45 22.30 8.89
CA ARG B 231 1.36 22.41 8.81
C ARG B 231 0.16 21.52 8.72
C ARG B 231 0.13 21.50 8.70
N GLY B 232 -0.35 20.95 9.82
CA GLY B 232 -1.56 20.12 9.85
C GLY B 232 -1.19 18.65 9.85
N PHE B 233 0.02 18.32 9.41
CA PHE B 233 0.52 16.92 9.39
C PHE B 233 1.31 16.65 10.67
N ASP B 234 1.47 15.36 10.94
CA ASP B 234 2.26 14.86 12.08
C ASP B 234 3.66 15.49 12.06
N GLU B 235 4.14 15.92 13.22
CA GLU B 235 5.38 16.75 13.27
C GLU B 235 6.61 15.90 12.94
N THR B 236 6.70 14.65 13.40
CA THR B 236 7.81 13.74 13.02
C THR B 236 7.86 13.62 11.50
N ILE B 237 6.71 13.44 10.87
CA ILE B 237 6.64 13.28 9.40
C ILE B 237 7.05 14.59 8.71
N ARG B 238 6.66 15.74 9.25
CA ARG B 238 7.03 17.06 8.67
C ARG B 238 8.55 17.19 8.63
N GLU B 239 9.22 16.80 9.71
CA GLU B 239 10.69 16.89 9.86
C GLU B 239 11.33 15.88 8.91
N GLU B 240 10.83 14.66 8.89
CA GLU B 240 11.43 13.53 8.09
C GLU B 240 11.23 13.80 6.61
N VAL B 241 10.07 14.30 6.21
CA VAL B 241 9.82 14.56 4.76
C VAL B 241 10.70 15.75 4.34
N THR B 242 10.88 16.77 5.19
CA THR B 242 11.90 17.84 4.96
C THR B 242 13.28 17.22 4.72
N LYS B 243 13.75 16.32 5.60
CA LYS B 243 15.06 15.66 5.45
C LYS B 243 15.12 14.86 4.13
N GLN B 244 14.04 14.21 3.74
CA GLN B 244 14.08 13.24 2.62
C GLN B 244 13.99 14.01 1.29
N LEU B 245 13.29 15.13 1.26
CA LEU B 245 13.31 16.04 0.09
C LEU B 245 14.74 16.58 -0.09
N THR B 246 15.29 17.16 0.96
CA THR B 246 16.67 17.70 0.97
C THR B 246 17.62 16.64 0.42
N ALA B 247 17.52 15.39 0.91
CA ALA B 247 18.44 14.30 0.51
C ALA B 247 18.35 14.03 -1.01
N ASN B 248 17.20 14.32 -1.64
CA ASN B 248 17.00 14.12 -3.09
C ASN B 248 17.27 15.41 -3.86
N GLY B 249 17.89 16.42 -3.25
CA GLY B 249 18.46 17.58 -3.98
C GLY B 249 17.54 18.76 -4.01
N ILE B 250 16.45 18.77 -3.22
CA ILE B 250 15.53 19.94 -3.18
C ILE B 250 16.00 20.87 -2.06
N GLU B 251 16.14 22.16 -2.35
CA GLU B 251 16.53 23.22 -1.37
C GLU B 251 15.25 23.70 -0.66
N ILE B 252 15.13 23.39 0.61
CA ILE B 252 13.98 23.79 1.47
C ILE B 252 14.38 25.08 2.17
N MET B 253 13.78 26.21 1.76
CA MET B 253 13.98 27.56 2.36
C MET B 253 12.86 27.92 3.35
N THR B 254 13.00 27.52 4.61
CA THR B 254 11.98 27.80 5.67
C THR B 254 12.22 29.20 6.22
N ASN B 255 11.17 29.85 6.69
CA ASN B 255 11.16 31.25 7.21
C ASN B 255 11.52 32.21 6.08
N GLU B 256 10.94 32.03 4.88
CA GLU B 256 11.23 32.84 3.68
C GLU B 256 9.95 33.00 2.86
N ASN B 257 9.69 34.20 2.34
CA ASN B 257 8.53 34.48 1.47
C ASN B 257 8.96 35.46 0.39
N PRO B 258 8.47 35.37 -0.87
CA PRO B 258 8.74 36.39 -1.90
C PRO B 258 8.10 37.74 -1.54
N ALA B 259 8.88 38.82 -1.64
CA ALA B 259 8.46 40.23 -1.51
C ALA B 259 8.06 40.78 -2.89
N LYS B 260 8.85 40.45 -3.91
CA LYS B 260 8.58 40.85 -5.32
C LYS B 260 9.31 39.95 -6.32
N VAL B 261 8.84 40.00 -7.56
CA VAL B 261 9.49 39.29 -8.69
C VAL B 261 9.68 40.26 -9.85
N SER B 262 10.89 40.29 -10.41
CA SER B 262 11.22 41.03 -11.65
C SER B 262 11.85 40.06 -12.66
N LEU B 263 11.77 40.40 -13.95
CA LEU B 263 12.40 39.65 -15.08
C LEU B 263 13.85 40.09 -15.23
N ASN B 264 14.82 39.18 -15.02
CA ASN B 264 16.21 39.32 -15.52
C ASN B 264 16.13 39.57 -17.04
N THR B 265 17.23 40.05 -17.65
CA THR B 265 17.23 40.56 -19.05
C THR B 265 16.89 39.40 -20.00
N ASP B 266 17.42 38.20 -19.72
CA ASP B 266 17.16 36.93 -20.46
C ASP B 266 15.76 36.37 -20.19
N GLY B 267 14.89 37.07 -19.42
CA GLY B 267 13.47 36.72 -19.22
C GLY B 267 13.21 35.77 -18.05
N SER B 268 14.26 35.27 -17.40
CA SER B 268 14.20 34.47 -16.14
C SER B 268 13.69 35.36 -15.00
N LYS B 269 13.37 34.75 -13.86
CA LYS B 269 12.69 35.44 -12.74
C LYS B 269 13.71 35.70 -11.64
N HIS B 270 13.84 36.97 -11.28
CA HIS B 270 14.71 37.46 -10.18
C HIS B 270 13.84 37.55 -8.93
N VAL B 271 14.09 36.71 -7.92
CA VAL B 271 13.18 36.68 -6.74
C VAL B 271 13.84 37.46 -5.60
N THR B 272 13.12 38.45 -5.07
CA THR B 272 13.49 39.14 -3.80
C THR B 272 12.63 38.57 -2.67
N PHE B 273 13.27 37.84 -1.77
CA PHE B 273 12.68 37.31 -0.51
C PHE B 273 12.73 38.39 0.58
N GLU B 274 11.65 38.52 1.36
CA GLU B 274 11.52 39.43 2.54
C GLU B 274 12.83 39.46 3.35
N SER B 275 13.57 38.35 3.48
CA SER B 275 14.86 38.29 4.22
C SER B 275 15.96 39.05 3.47
N GLY B 276 15.57 39.76 2.40
CA GLY B 276 16.49 40.47 1.50
C GLY B 276 17.01 39.56 0.39
N LYS B 277 17.26 38.28 0.73
CA LYS B 277 17.89 37.24 -0.13
C LYS B 277 17.33 37.26 -1.57
N THR B 278 18.08 36.65 -2.50
CA THR B 278 17.72 36.60 -3.94
C THR B 278 17.90 35.20 -4.48
N LEU B 279 17.08 34.89 -5.48
CA LEU B 279 17.11 33.63 -6.23
C LEU B 279 16.75 33.96 -7.67
N ASP B 280 17.54 33.43 -8.60
CA ASP B 280 17.21 33.46 -10.05
C ASP B 280 16.64 32.09 -10.42
N VAL B 281 15.44 32.08 -10.99
CA VAL B 281 14.76 30.82 -11.43
C VAL B 281 14.07 31.06 -12.77
N ASP B 282 13.70 29.97 -13.42
CA ASP B 282 12.99 29.97 -14.72
C ASP B 282 11.48 30.04 -14.42
N VAL B 283 11.05 29.43 -13.31
CA VAL B 283 9.60 29.44 -12.91
C VAL B 283 9.48 29.75 -11.42
N VAL B 284 8.47 30.55 -11.09
CA VAL B 284 7.95 30.81 -9.71
C VAL B 284 6.54 30.24 -9.66
N MET B 285 6.36 29.12 -8.98
CA MET B 285 5.01 28.52 -8.81
C MET B 285 4.49 28.85 -7.40
N MET B 286 3.44 29.68 -7.36
CA MET B 286 2.72 30.05 -6.13
C MET B 286 1.73 28.93 -5.76
N ALA B 287 1.95 28.29 -4.62
CA ALA B 287 1.02 27.30 -4.01
C ALA B 287 0.82 27.62 -2.53
N ILE B 288 0.24 28.80 -2.28
CA ILE B 288 0.10 29.40 -0.91
C ILE B 288 -1.35 29.26 -0.43
N GLY B 289 -2.26 28.74 -1.25
CA GLY B 289 -3.63 28.57 -0.76
C GLY B 289 -4.64 28.49 -1.87
N ARG B 290 -5.79 27.92 -1.56
CA ARG B 290 -6.89 27.91 -2.53
C ARG B 290 -8.10 28.57 -1.90
N ILE B 291 -8.77 29.43 -2.65
CA ILE B 291 -9.92 30.20 -2.12
C ILE B 291 -11.17 29.78 -2.89
N PRO B 292 -12.33 29.79 -2.21
CA PRO B 292 -13.60 29.36 -2.80
C PRO B 292 -13.96 30.30 -3.98
N ARG B 293 -14.56 29.74 -5.04
CA ARG B 293 -14.90 30.53 -6.26
C ARG B 293 -16.35 30.97 -6.21
N THR B 294 -16.59 32.11 -5.55
CA THR B 294 -17.96 32.65 -5.33
C THR B 294 -18.14 33.99 -6.06
N ASN B 295 -17.06 34.67 -6.41
CA ASN B 295 -17.07 36.00 -7.06
C ASN B 295 -18.04 36.04 -8.24
N ASP B 296 -17.96 35.01 -9.08
CA ASP B 296 -18.64 34.97 -10.40
C ASP B 296 -20.10 34.54 -10.21
N LEU B 297 -20.47 34.05 -9.04
CA LEU B 297 -21.83 33.47 -8.83
C LEU B 297 -22.89 34.58 -8.63
N GLN B 298 -22.50 35.85 -8.46
CA GLN B 298 -23.47 36.97 -8.26
C GLN B 298 -24.44 36.60 -7.12
N LEU B 299 -23.91 36.07 -6.01
CA LEU B 299 -24.74 35.56 -4.90
C LEU B 299 -25.48 36.71 -4.23
N GLY B 300 -24.99 37.95 -4.38
CA GLY B 300 -25.76 39.17 -4.03
C GLY B 300 -27.18 39.17 -4.59
N ASN B 301 -27.46 38.49 -5.70
CA ASN B 301 -28.81 38.51 -6.35
C ASN B 301 -29.83 37.72 -5.52
N VAL B 302 -29.37 36.85 -4.61
CA VAL B 302 -30.28 35.99 -3.83
C VAL B 302 -29.97 36.11 -2.33
N GLY B 303 -28.84 36.73 -1.94
CA GLY B 303 -28.48 36.95 -0.54
C GLY B 303 -28.03 35.67 0.15
N VAL B 304 -27.37 34.77 -0.59
CA VAL B 304 -26.69 33.60 0.03
C VAL B 304 -25.58 34.11 0.95
N LYS B 305 -25.53 33.60 2.18
CA LYS B 305 -24.55 34.10 3.16
C LYS B 305 -23.15 33.56 2.85
N LEU B 306 -22.19 34.46 2.62
CA LEU B 306 -20.74 34.14 2.51
C LEU B 306 -20.02 34.46 3.80
N THR B 307 -18.86 33.84 4.01
CA THR B 307 -17.87 34.21 5.07
C THR B 307 -17.05 35.36 4.51
N PRO B 308 -16.34 36.14 5.36
CA PRO B 308 -15.42 37.17 4.86
C PRO B 308 -14.39 36.67 3.84
N LYS B 309 -13.84 35.47 4.08
CA LYS B 309 -12.98 34.66 3.16
C LYS B 309 -13.63 34.49 1.76
N GLY B 310 -14.95 34.37 1.68
CA GLY B 310 -15.71 34.14 0.44
C GLY B 310 -16.21 32.71 0.28
N GLY B 311 -16.14 31.88 1.32
CA GLY B 311 -16.79 30.56 1.31
C GLY B 311 -18.30 30.68 1.46
N VAL B 312 -19.05 29.75 0.87
CA VAL B 312 -20.51 29.70 1.14
C VAL B 312 -20.68 29.08 2.51
N GLN B 313 -21.38 29.77 3.42
CA GLN B 313 -21.67 29.20 4.75
C GLN B 313 -22.74 28.12 4.61
N VAL B 314 -22.56 26.99 5.27
CA VAL B 314 -23.51 25.86 5.17
C VAL B 314 -23.69 25.26 6.57
N ASP B 315 -24.84 24.65 6.80
CA ASP B 315 -25.07 23.78 7.97
C ASP B 315 -24.42 22.43 7.65
N GLU B 316 -24.56 21.44 8.54
CA GLU B 316 -23.94 20.10 8.40
C GLU B 316 -24.59 19.35 7.24
N PHE B 317 -25.72 19.84 6.72
CA PHE B 317 -26.46 19.21 5.60
C PHE B 317 -26.19 20.01 4.31
N SER B 318 -25.20 20.89 4.30
CA SER B 318 -24.78 21.65 3.10
C SER B 318 -25.86 22.67 2.66
N ARG B 319 -26.69 23.13 3.59
CA ARG B 319 -27.81 24.06 3.30
C ARG B 319 -27.32 25.49 3.52
N THR B 320 -27.54 26.37 2.55
CA THR B 320 -27.23 27.81 2.74
C THR B 320 -28.37 28.38 3.60
N ASN B 321 -28.31 29.69 3.88
CA ASN B 321 -29.39 30.45 4.57
C ASN B 321 -30.58 30.59 3.63
N VAL B 322 -30.45 30.24 2.34
CA VAL B 322 -31.59 30.33 1.38
C VAL B 322 -32.14 28.93 1.11
N PRO B 323 -33.45 28.67 1.40
CA PRO B 323 -34.05 27.37 1.10
C PRO B 323 -33.89 27.04 -0.39
N ASN B 324 -33.63 25.78 -0.71
CA ASN B 324 -33.52 25.29 -2.11
C ASN B 324 -32.15 25.68 -2.70
N ILE B 325 -31.25 26.34 -1.97
CA ILE B 325 -29.87 26.60 -2.46
C ILE B 325 -28.89 26.01 -1.45
N TYR B 326 -28.00 25.17 -1.96
CA TYR B 326 -27.07 24.33 -1.18
C TYR B 326 -25.66 24.55 -1.74
N ALA B 327 -24.64 24.20 -0.97
CA ALA B 327 -23.24 24.28 -1.45
C ALA B 327 -22.49 23.07 -0.93
N ILE B 328 -21.70 22.46 -1.81
CA ILE B 328 -20.80 21.35 -1.38
C ILE B 328 -19.42 21.57 -1.97
N GLY B 329 -18.44 20.89 -1.42
CA GLY B 329 -17.06 20.86 -1.94
C GLY B 329 -16.29 22.09 -1.50
N ASP B 330 -15.27 22.44 -2.26
CA ASP B 330 -14.25 23.40 -1.82
C ASP B 330 -14.94 24.76 -1.62
N ILE B 331 -15.98 25.09 -2.37
CA ILE B 331 -16.68 26.40 -2.23
C ILE B 331 -17.10 26.62 -0.77
N THR B 332 -17.18 25.55 0.05
CA THR B 332 -17.58 25.61 1.47
C THR B 332 -16.35 25.79 2.34
N ASP B 333 -15.15 25.72 1.76
CA ASP B 333 -13.85 26.01 2.42
C ASP B 333 -13.71 25.22 3.72
N ARG B 334 -14.05 23.95 3.71
CA ARG B 334 -13.75 23.05 4.84
C ARG B 334 -12.58 22.11 4.46
N LEU B 335 -12.84 20.82 4.20
CA LEU B 335 -11.81 19.87 3.74
C LEU B 335 -11.79 19.88 2.20
N MET B 336 -10.72 20.37 1.60
CA MET B 336 -10.66 20.47 0.12
C MET B 336 -10.06 19.18 -0.43
N LEU B 337 -10.90 18.14 -0.46
CA LEU B 337 -10.56 16.80 -0.98
C LEU B 337 -11.71 16.37 -1.88
N THR B 338 -11.36 15.67 -2.96
CA THR B 338 -12.32 15.21 -3.95
C THR B 338 -13.31 14.24 -3.29
N PRO B 339 -12.86 13.25 -2.50
CA PRO B 339 -13.80 12.26 -1.95
C PRO B 339 -14.73 12.92 -0.93
N VAL B 340 -14.30 14.01 -0.32
CA VAL B 340 -15.16 14.77 0.64
C VAL B 340 -16.25 15.50 -0.15
N ALA B 341 -15.87 16.23 -1.20
CA ALA B 341 -16.84 16.85 -2.13
C ALA B 341 -17.83 15.82 -2.60
N ILE B 342 -17.35 14.64 -3.01
CA ILE B 342 -18.25 13.57 -3.54
C ILE B 342 -19.20 13.14 -2.41
N ASN B 343 -18.66 12.91 -1.22
CA ASN B 343 -19.49 12.45 -0.08
C ASN B 343 -20.55 13.51 0.22
N GLU B 344 -20.18 14.80 0.20
CA GLU B 344 -21.13 15.89 0.53
C GLU B 344 -22.26 15.93 -0.51
N GLY B 345 -21.92 15.79 -1.78
CA GLY B 345 -22.90 15.78 -2.88
C GLY B 345 -23.90 14.64 -2.76
N ALA B 346 -23.41 13.44 -2.50
CA ALA B 346 -24.24 12.24 -2.30
C ALA B 346 -25.14 12.45 -1.07
N ALA B 347 -24.59 12.99 0.03
CA ALA B 347 -25.31 13.15 1.31
C ALA B 347 -26.42 14.19 1.11
N LEU B 348 -26.10 15.26 0.38
CA LEU B 348 -27.06 16.36 0.06
C LEU B 348 -28.25 15.79 -0.74
N VAL B 349 -27.96 15.06 -1.82
CA VAL B 349 -29.03 14.53 -2.70
C VAL B 349 -29.87 13.49 -1.95
N ASP B 350 -29.24 12.64 -1.13
CA ASP B 350 -29.97 11.65 -0.31
C ASP B 350 -30.93 12.39 0.64
N THR B 351 -30.44 13.45 1.26
CA THR B 351 -31.19 14.26 2.26
C THR B 351 -32.38 14.92 1.55
N VAL B 352 -32.10 15.66 0.48
CA VAL B 352 -33.07 16.55 -0.18
C VAL B 352 -34.05 15.74 -1.01
N PHE B 353 -33.56 14.87 -1.89
CA PHE B 353 -34.43 14.16 -2.86
C PHE B 353 -34.80 12.77 -2.34
N GLY B 354 -34.05 12.20 -1.38
CA GLY B 354 -34.37 10.85 -0.85
C GLY B 354 -35.11 10.91 0.49
N ASN B 355 -35.16 12.08 1.14
CA ASN B 355 -35.57 12.19 2.57
C ASN B 355 -34.83 11.09 3.36
N LYS B 356 -33.54 10.93 3.08
CA LYS B 356 -32.64 9.98 3.81
C LYS B 356 -31.58 10.85 4.44
N PRO B 357 -31.91 11.47 5.59
CA PRO B 357 -31.09 12.53 6.15
C PRO B 357 -29.70 11.99 6.49
N ARG B 358 -28.69 12.65 5.93
CA ARG B 358 -27.27 12.26 6.09
C ARG B 358 -26.39 13.49 5.95
N LYS B 359 -25.41 13.58 6.85
CA LYS B 359 -24.37 14.62 6.84
C LYS B 359 -23.01 13.91 6.73
N THR B 360 -22.11 14.52 6.00
CA THR B 360 -20.73 14.04 5.80
C THR B 360 -19.97 14.16 7.12
N ASP B 361 -19.27 13.10 7.51
CA ASP B 361 -18.36 13.14 8.66
C ASP B 361 -17.02 13.65 8.13
N HIS B 362 -16.60 14.84 8.55
CA HIS B 362 -15.34 15.49 8.14
C HIS B 362 -14.21 15.08 9.12
N THR B 363 -14.50 14.26 10.12
CA THR B 363 -13.46 13.68 11.00
C THR B 363 -12.99 12.37 10.38
N ARG B 364 -11.75 11.99 10.68
CA ARG B 364 -11.23 10.60 10.46
C ARG B 364 -11.27 10.29 8.96
N VAL B 365 -10.98 11.34 8.18
CA VAL B 365 -10.92 11.25 6.70
C VAL B 365 -9.47 10.91 6.36
N ALA B 366 -9.28 9.75 5.73
CA ALA B 366 -7.97 9.34 5.20
C ALA B 366 -7.60 10.27 4.04
N SER B 367 -6.35 10.70 4.01
CA SER B 367 -5.81 11.55 2.95
C SER B 367 -4.34 11.20 2.74
N ALA B 368 -3.77 11.76 1.70
CA ALA B 368 -2.39 11.46 1.29
C ALA B 368 -1.72 12.74 0.84
N VAL B 369 -0.40 12.72 0.89
CA VAL B 369 0.46 13.66 0.12
C VAL B 369 1.36 12.82 -0.77
N PHE B 370 1.33 13.06 -2.07
CA PHE B 370 2.19 12.31 -3.04
C PHE B 370 3.51 13.04 -3.19
N SER B 371 4.11 13.29 -2.03
CA SER B 371 5.53 13.63 -1.92
C SER B 371 6.30 12.37 -2.27
N ILE B 372 7.60 12.51 -2.40
CA ILE B 372 8.53 11.39 -2.65
C ILE B 372 9.51 11.44 -1.48
N PRO B 373 9.38 10.52 -0.49
CA PRO B 373 8.28 9.56 -0.43
C PRO B 373 6.98 10.14 0.09
N PRO B 374 5.85 9.40 -0.06
CA PRO B 374 4.53 9.96 0.25
C PRO B 374 4.11 9.81 1.73
N ILE B 375 3.03 10.52 2.05
CA ILE B 375 2.39 10.54 3.37
C ILE B 375 1.02 9.90 3.25
N GLY B 376 0.63 9.11 4.23
CA GLY B 376 -0.78 8.72 4.38
C GLY B 376 -1.16 9.03 5.80
N THR B 377 -2.33 9.60 6.01
CA THR B 377 -2.75 10.05 7.36
C THR B 377 -4.26 9.87 7.49
N CYS B 378 -4.72 9.65 8.71
CA CYS B 378 -6.15 9.63 9.03
C CYS B 378 -6.31 9.99 10.51
N GLY B 379 -7.14 10.98 10.78
CA GLY B 379 -7.47 11.44 12.15
C GLY B 379 -6.46 12.41 12.70
N LEU B 380 -6.40 12.49 14.03
CA LEU B 380 -5.79 13.64 14.75
C LEU B 380 -4.29 13.44 14.85
N ILE B 381 -3.55 14.53 14.71
CA ILE B 381 -2.14 14.59 15.17
C ILE B 381 -2.13 14.75 16.68
N GLU B 382 -1.03 14.35 17.30
CA GLU B 382 -0.94 14.20 18.77
C GLU B 382 -1.16 15.55 19.48
N GLU B 383 -0.64 16.66 18.93
CA GLU B 383 -0.77 18.02 19.55
C GLU B 383 -2.25 18.38 19.65
N VAL B 384 -3.04 17.99 18.65
CA VAL B 384 -4.49 18.28 18.62
C VAL B 384 -5.15 17.33 19.62
N ALA B 385 -4.81 16.04 19.57
CA ALA B 385 -5.40 15.03 20.47
C ALA B 385 -5.15 15.44 21.93
N ALA B 386 -3.97 15.96 22.24
CA ALA B 386 -3.48 16.27 23.60
C ALA B 386 -4.26 17.44 24.23
N LYS B 387 -4.93 18.26 23.41
CA LYS B 387 -5.78 19.37 23.90
C LYS B 387 -7.19 18.85 24.16
N GLU B 388 -7.61 17.75 23.53
CA GLU B 388 -9.00 17.25 23.60
C GLU B 388 -9.12 16.01 24.51
N PHE B 389 -8.00 15.43 24.96
CA PHE B 389 -8.00 14.17 25.75
C PHE B 389 -6.98 14.28 26.88
N GLU B 390 -7.38 13.87 28.08
CA GLU B 390 -6.53 14.00 29.29
C GLU B 390 -5.23 13.22 29.09
N LYS B 391 -5.35 11.98 28.61
CA LYS B 391 -4.17 11.10 28.41
C LYS B 391 -4.12 10.66 26.94
N VAL B 392 -3.02 10.96 26.26
CA VAL B 392 -2.76 10.54 24.85
C VAL B 392 -1.47 9.71 24.83
N ALA B 393 -1.49 8.53 24.19
CA ALA B 393 -0.29 7.71 23.94
C ALA B 393 0.10 7.84 22.46
N VAL B 394 1.39 7.90 22.20
CA VAL B 394 1.97 7.85 20.83
C VAL B 394 2.75 6.54 20.71
N TYR B 395 2.35 5.71 19.76
CA TYR B 395 3.09 4.50 19.33
C TYR B 395 3.85 4.90 18.08
N MET B 396 5.18 4.82 18.09
CA MET B 396 5.98 5.26 16.92
C MET B 396 7.01 4.19 16.56
N SER B 397 7.12 3.91 15.26
CA SER B 397 8.17 3.06 14.67
C SER B 397 8.77 3.85 13.53
N SER B 398 10.07 4.10 13.56
CA SER B 398 10.77 4.87 12.51
C SER B 398 12.11 4.21 12.22
N PHE B 399 12.38 3.87 10.96
CA PHE B 399 13.57 3.12 10.51
C PHE B 399 13.64 3.14 8.97
N THR B 400 14.84 3.32 8.43
CA THR B 400 15.18 2.99 7.01
C THR B 400 14.84 1.53 6.77
N PRO B 401 13.81 1.21 5.94
CA PRO B 401 13.51 -0.17 5.61
C PRO B 401 14.75 -0.79 4.92
N LEU B 402 14.78 -2.12 4.88
CA LEU B 402 15.94 -2.91 4.38
C LEU B 402 16.11 -2.68 2.88
N MET B 403 15.04 -2.82 2.07
CA MET B 403 15.13 -2.60 0.60
C MET B 403 15.92 -1.31 0.37
N HIS B 404 15.86 -0.34 1.29
CA HIS B 404 16.47 1.01 1.10
C HIS B 404 17.90 1.14 1.66
N ASN B 405 18.36 0.23 2.49
CA ASN B 405 19.82 0.09 2.76
C ASN B 405 20.46 -0.34 1.44
N ILE B 406 20.00 -1.48 0.87
CA ILE B 406 20.47 -2.02 -0.45
C ILE B 406 20.28 -1.05 -1.62
N SER B 407 19.14 -0.35 -1.72
CA SER B 407 18.84 0.59 -2.85
C SER B 407 19.83 1.76 -2.89
N GLY B 408 20.44 2.10 -1.76
CA GLY B 408 21.27 3.29 -1.59
C GLY B 408 20.49 4.52 -1.11
N SER B 409 19.16 4.46 -0.97
CA SER B 409 18.36 5.58 -0.40
C SER B 409 18.20 5.38 1.11
N LYS B 410 19.32 5.39 1.85
CA LYS B 410 19.35 5.03 3.30
C LYS B 410 18.60 6.10 4.10
N TYR B 411 18.42 7.27 3.52
CA TYR B 411 17.67 8.41 4.11
C TYR B 411 16.15 8.16 4.11
N LYS B 412 15.66 7.12 3.43
CA LYS B 412 14.20 6.93 3.27
C LYS B 412 13.67 6.15 4.47
N LYS B 413 13.55 6.82 5.62
CA LYS B 413 12.98 6.24 6.85
C LYS B 413 11.48 6.16 6.65
N PHE B 414 10.89 4.98 6.88
CA PHE B 414 9.43 4.78 7.03
C PHE B 414 9.05 5.20 8.44
N VAL B 415 8.06 6.06 8.57
CA VAL B 415 7.53 6.49 9.89
C VAL B 415 6.13 5.96 9.98
N ALA B 416 5.80 5.23 11.06
CA ALA B 416 4.43 4.80 11.36
C ALA B 416 4.10 5.25 12.79
N LYS B 417 3.05 6.06 12.94
CA LYS B 417 2.68 6.60 14.26
C LYS B 417 1.19 6.38 14.49
N ILE B 418 0.85 5.84 15.66
CA ILE B 418 -0.56 5.68 16.08
C ILE B 418 -0.72 6.54 17.34
N VAL B 419 -1.70 7.43 17.31
CA VAL B 419 -2.12 8.30 18.45
C VAL B 419 -3.38 7.70 19.06
N THR B 420 -3.38 7.49 20.39
CA THR B 420 -4.56 6.92 21.08
C THR B 420 -5.01 7.86 22.19
N ASN B 421 -6.30 7.76 22.49
CA ASN B 421 -6.87 8.06 23.84
C ASN B 421 -6.41 6.96 24.80
N HIS B 422 -5.35 7.20 25.59
CA HIS B 422 -4.75 6.20 26.49
C HIS B 422 -5.74 5.72 27.58
N SER B 423 -6.82 6.48 27.84
CA SER B 423 -7.88 6.11 28.82
C SER B 423 -8.55 4.83 28.36
N ASP B 424 -8.85 4.66 27.07
CA ASP B 424 -9.52 3.42 26.59
C ASP B 424 -8.81 2.76 25.41
N GLY B 425 -7.72 3.31 24.86
CA GLY B 425 -6.96 2.69 23.76
C GLY B 425 -7.49 3.05 22.38
N THR B 426 -8.54 3.86 22.31
CA THR B 426 -9.20 4.21 21.02
C THR B 426 -8.20 4.96 20.13
N VAL B 427 -8.01 4.48 18.89
CA VAL B 427 -7.09 5.16 17.94
C VAL B 427 -7.74 6.46 17.48
N LEU B 428 -7.05 7.57 17.69
CA LEU B 428 -7.46 8.95 17.31
C LEU B 428 -6.85 9.35 15.97
N GLY B 429 -5.66 8.83 15.67
CA GLY B 429 -4.88 9.23 14.48
C GLY B 429 -3.83 8.20 14.11
N VAL B 430 -3.61 8.05 12.81
CA VAL B 430 -2.57 7.15 12.24
C VAL B 430 -1.86 7.96 11.16
N HIS B 431 -0.54 8.04 11.22
CA HIS B 431 0.29 8.91 10.37
C HIS B 431 1.43 8.07 9.83
N LEU B 432 1.59 8.06 8.51
CA LEU B 432 2.55 7.20 7.79
C LEU B 432 3.34 8.05 6.82
N LEU B 433 4.64 7.84 6.80
CA LEU B 433 5.52 8.39 5.76
C LEU B 433 6.34 7.24 5.19
N GLY B 434 6.32 7.11 3.88
CA GLY B 434 7.15 6.11 3.17
C GLY B 434 6.35 5.46 2.05
N ASP B 435 7.04 4.72 1.18
CA ASP B 435 6.48 4.08 -0.03
C ASP B 435 5.26 3.28 0.42
N GLY B 436 4.13 3.41 -0.27
CA GLY B 436 2.89 2.67 0.06
C GLY B 436 1.96 3.38 1.03
N ALA B 437 2.40 4.47 1.67
CA ALA B 437 1.64 5.10 2.77
C ALA B 437 0.20 5.42 2.35
N PRO B 438 -0.06 6.05 1.18
CA PRO B 438 -1.43 6.34 0.75
C PRO B 438 -2.33 5.11 0.56
N GLU B 439 -1.74 3.99 0.16
CA GLU B 439 -2.42 2.69 -0.05
C GLU B 439 -2.66 2.04 1.31
N ILE B 440 -1.70 2.15 2.23
CA ILE B 440 -1.85 1.53 3.57
C ILE B 440 -2.98 2.20 4.32
N ILE B 441 -3.11 3.53 4.21
CA ILE B 441 -3.96 4.35 5.11
C ILE B 441 -5.44 4.13 4.81
N GLN B 442 -5.80 3.69 3.60
CA GLN B 442 -7.23 3.60 3.20
C GLN B 442 -8.02 2.72 4.17
N ALA B 443 -7.60 1.48 4.40
CA ALA B 443 -8.36 0.55 5.25
C ALA B 443 -8.20 0.99 6.71
N VAL B 444 -7.23 1.86 7.02
CA VAL B 444 -7.12 2.47 8.37
C VAL B 444 -8.32 3.40 8.58
N GLY B 445 -8.74 4.12 7.54
CA GLY B 445 -9.97 4.90 7.59
C GLY B 445 -11.14 4.06 8.08
N VAL B 446 -11.21 2.82 7.62
CA VAL B 446 -12.35 1.92 7.96
C VAL B 446 -12.19 1.52 9.43
N CYS B 447 -10.95 1.29 9.89
CA CYS B 447 -10.66 0.97 11.31
C CYS B 447 -11.18 2.06 12.25
N LEU B 448 -10.90 3.32 11.92
CA LEU B 448 -11.26 4.49 12.76
C LEU B 448 -12.78 4.69 12.74
N ARG B 449 -13.44 4.40 11.63
CA ARG B 449 -14.92 4.40 11.61
C ARG B 449 -15.46 3.36 12.60
N LEU B 450 -14.77 2.24 12.79
CA LEU B 450 -15.20 1.14 13.70
C LEU B 450 -14.63 1.33 15.12
N ASN B 451 -14.09 2.50 15.43
CA ASN B 451 -13.54 2.85 16.78
C ASN B 451 -12.51 1.80 17.18
N ALA B 452 -11.64 1.42 16.24
CA ALA B 452 -10.49 0.52 16.50
C ALA B 452 -9.71 1.08 17.69
N LYS B 453 -9.24 0.16 18.54
CA LYS B 453 -8.28 0.47 19.63
C LYS B 453 -6.89 -0.05 19.21
N ILE B 454 -5.86 0.41 19.91
CA ILE B 454 -4.47 -0.06 19.65
C ILE B 454 -4.44 -1.57 19.80
N SER B 455 -5.20 -2.15 20.74
CA SER B 455 -5.23 -3.62 20.91
C SER B 455 -5.78 -4.32 19.65
N ASP B 456 -6.70 -3.72 18.92
CA ASP B 456 -7.21 -4.27 17.63
C ASP B 456 -6.13 -4.24 16.56
N PHE B 457 -5.27 -3.24 16.54
CA PHE B 457 -4.09 -3.26 15.63
C PHE B 457 -3.08 -4.34 16.06
N TYR B 458 -2.63 -4.36 17.32
N TYR B 458 -2.63 -4.32 17.32
CA TYR B 458 -1.48 -5.24 17.69
CA TYR B 458 -1.53 -5.20 17.79
C TYR B 458 -1.93 -6.70 17.82
C TYR B 458 -1.97 -6.67 17.66
N ASN B 459 -3.23 -6.96 17.97
CA ASN B 459 -3.76 -8.37 17.95
C ASN B 459 -4.02 -8.86 16.52
N THR B 460 -4.00 -7.99 15.54
CA THR B 460 -4.11 -8.43 14.13
C THR B 460 -2.75 -9.01 13.72
N ILE B 461 -2.78 -10.12 13.04
CA ILE B 461 -1.56 -10.76 12.50
C ILE B 461 -1.01 -9.93 11.31
N GLY B 462 0.27 -9.58 11.39
CA GLY B 462 1.02 -8.91 10.32
C GLY B 462 0.95 -9.66 9.00
N VAL B 463 1.03 -8.91 7.91
CA VAL B 463 1.44 -9.38 6.55
C VAL B 463 2.92 -9.08 6.44
N HIS B 464 3.74 -10.07 6.14
CA HIS B 464 5.21 -9.90 6.20
C HIS B 464 5.79 -10.41 4.89
N PRO B 465 6.79 -9.71 4.31
CA PRO B 465 7.29 -8.42 4.79
C PRO B 465 6.56 -7.27 4.11
N THR B 466 6.04 -6.35 4.92
CA THR B 466 5.41 -5.10 4.46
C THR B 466 5.89 -3.97 5.36
N SER B 467 5.71 -2.76 4.88
CA SER B 467 5.79 -1.58 5.78
C SER B 467 4.54 -1.55 6.67
N ALA B 468 3.36 -1.92 6.15
CA ALA B 468 2.08 -1.80 6.88
C ALA B 468 2.12 -2.62 8.17
N GLU B 469 2.84 -3.74 8.19
CA GLU B 469 2.79 -4.62 9.40
C GLU B 469 3.33 -3.86 10.62
N GLU B 470 4.08 -2.78 10.45
CA GLU B 470 4.56 -1.96 11.61
C GLU B 470 3.34 -1.54 12.43
N LEU B 471 2.20 -1.29 11.77
CA LEU B 471 0.98 -0.81 12.46
C LEU B 471 0.48 -1.86 13.44
N CYS B 472 0.78 -3.13 13.21
CA CYS B 472 0.23 -4.31 13.94
C CYS B 472 1.30 -4.90 14.88
N SER B 473 2.40 -4.18 15.07
CA SER B 473 3.61 -4.64 15.80
C SER B 473 3.93 -3.74 17.00
N MET B 474 3.10 -2.74 17.31
CA MET B 474 3.36 -1.76 18.38
C MET B 474 2.42 -2.02 19.56
N ARG B 475 3.03 -2.54 20.63
CA ARG B 475 2.48 -3.06 21.91
C ARG B 475 2.51 -1.91 22.94
N THR B 476 3.56 -1.06 22.89
CA THR B 476 4.02 -0.20 24.01
C THR B 476 4.19 1.25 23.55
N PRO B 477 3.56 2.24 24.22
CA PRO B 477 3.72 3.64 23.83
C PRO B 477 5.19 4.06 23.79
N SER B 478 5.56 4.96 22.86
CA SER B 478 6.88 5.62 22.76
C SER B 478 6.95 6.76 23.78
N TYR B 479 5.85 7.49 23.94
CA TYR B 479 5.69 8.60 24.90
C TYR B 479 4.20 8.93 25.07
N TYR B 480 3.90 9.92 25.89
CA TYR B 480 2.51 10.30 26.27
C TYR B 480 2.37 11.82 26.26
N TYR B 481 1.12 12.25 26.23
CA TYR B 481 0.64 13.57 26.69
C TYR B 481 -0.39 13.31 27.79
N VAL B 482 -0.13 13.96 28.91
CA VAL B 482 -1.00 13.98 30.11
C VAL B 482 -1.37 15.46 30.30
N LYS B 483 -2.66 15.79 30.26
CA LYS B 483 -3.18 17.19 30.39
C LYS B 483 -2.37 18.14 29.50
N GLY B 484 -2.19 17.79 28.21
CA GLY B 484 -1.45 18.62 27.22
C GLY B 484 0.07 18.54 27.34
N GLU B 485 0.63 17.84 28.32
CA GLU B 485 2.10 17.87 28.55
C GLU B 485 2.73 16.55 28.10
N LYS B 486 3.75 16.66 27.25
CA LYS B 486 4.50 15.50 26.70
C LYS B 486 5.37 14.91 27.81
N MET B 487 5.27 13.58 28.00
CA MET B 487 6.11 12.88 29.00
C MET B 487 6.69 11.64 28.33
N GLU B 488 8.02 11.48 28.41
CA GLU B 488 8.66 10.27 27.84
C GLU B 488 8.47 9.09 28.79
#